data_5K99
#
_entry.id   5K99
#
_cell.length_a   118.275
_cell.length_b   118.275
_cell.length_c   55.698
_cell.angle_alpha   90.00
_cell.angle_beta   90.00
_cell.angle_gamma   90.00
#
_symmetry.space_group_name_H-M   'P 43'
#
loop_
_entity.id
_entity.type
_entity.pdbx_description
1 polymer 'Microcin C7 self-immunity protein mccF'
2 polymer 'Microcin C'
3 non-polymer 'ADENOSINE MONOPHOSPHATE'
4 water water
#
loop_
_entity_poly.entity_id
_entity_poly.type
_entity_poly.pdbx_seq_one_letter_code
_entity_poly.pdbx_strand_id
1 'polypeptide(L)'
;SNA(MSE)PLPKSLKYGDTIGIYSPSSPVTYTSPKRFERAKSYLLQKGFHILEGSLTGRYDYYRSGSIQERAKELNALIR
NPNVSCI(MSE)STIGG(MSE)NSNSLLPYIDYDAFQNNPKI(MSE)IGYSDATALLLGIYAKTGIPTFYGPALVPSFGE
FEPFVDDTYKYFLETLLHDQALPYNIKQPLFWSDEFINWEEKTKEKELRPNNWISVTNGQATGRVIGGNLNTIQGIWGSP
Y(MSE)PCIQEGDILFIEDSSKDAATIERSFSFLKINGVFDKVSGIILGKHEQFDDCGTNRKPYEILLEVLQNQRIPLLA
DFDCCHTHP(MSE)IT(MSE)PIGVQVK(MSE)DATNKTIHILEKWKI
;
A,B
2 'polypeptide(L)' MRTGNA(XSN) C,D
#
# COMPACT_ATOMS: atom_id res chain seq x y z
N SER A 1 33.99 4.60 -6.01
CA SER A 1 33.51 4.42 -7.41
C SER A 1 33.95 5.56 -8.29
N ASN A 2 33.73 5.41 -9.58
CA ASN A 2 34.02 6.48 -10.52
C ASN A 2 33.17 7.69 -10.20
N ALA A 3 33.70 8.85 -10.57
CA ALA A 3 32.87 10.06 -10.54
C ALA A 3 31.65 9.86 -11.43
N PRO A 5 27.65 11.72 -12.83
CA PRO A 5 26.85 12.95 -12.92
C PRO A 5 26.17 13.27 -11.59
N LEU A 6 26.20 14.54 -11.24
CA LEU A 6 25.67 15.04 -9.98
C LEU A 6 25.06 16.41 -10.20
N PRO A 7 24.05 16.76 -9.40
CA PRO A 7 23.49 18.11 -9.48
C PRO A 7 24.42 19.15 -8.85
N LYS A 8 24.30 20.37 -9.34
CA LYS A 8 25.05 21.48 -8.74
C LYS A 8 24.52 21.78 -7.35
N SER A 9 25.44 22.11 -6.45
CA SER A 9 25.10 22.57 -5.11
C SER A 9 24.17 23.77 -5.19
N LEU A 10 23.30 23.88 -4.20
CA LEU A 10 22.46 25.05 -4.04
C LEU A 10 23.32 26.24 -3.68
N LYS A 11 22.97 27.41 -4.22
CA LYS A 11 23.62 28.66 -3.92
C LYS A 11 22.58 29.65 -3.42
N TYR A 12 23.00 30.58 -2.56
CA TYR A 12 22.10 31.66 -2.18
C TYR A 12 21.62 32.37 -3.43
N GLY A 13 20.33 32.73 -3.43
CA GLY A 13 19.72 33.38 -4.55
C GLY A 13 19.23 32.44 -5.63
N ASP A 14 19.48 31.15 -5.50
CA ASP A 14 18.97 30.21 -6.49
C ASP A 14 17.44 30.17 -6.45
N THR A 15 16.87 29.69 -7.55
CA THR A 15 15.44 29.47 -7.67
C THR A 15 15.06 28.05 -7.29
N ILE A 16 14.15 27.94 -6.36
CA ILE A 16 13.54 26.68 -5.98
C ILE A 16 12.18 26.64 -6.66
N GLY A 17 11.97 25.65 -7.52
CA GLY A 17 10.67 25.45 -8.14
C GLY A 17 9.84 24.53 -7.28
N ILE A 18 8.59 24.88 -7.08
CA ILE A 18 7.71 24.08 -6.24
C ILE A 18 6.56 23.55 -7.10
N TYR A 19 6.15 22.33 -6.80
CA TYR A 19 5.11 21.63 -7.55
C TYR A 19 4.30 20.81 -6.55
N SER A 20 3.08 20.46 -6.96
CA SER A 20 2.13 19.75 -6.10
C SER A 20 1.76 18.44 -6.78
N PRO A 21 2.51 17.37 -6.58
CA PRO A 21 2.26 16.16 -7.35
C PRO A 21 1.08 15.35 -6.85
N SER A 22 0.49 15.76 -5.72
CA SER A 22 -0.65 15.04 -5.18
C SER A 22 -1.63 16.02 -4.53
N SER A 23 -1.61 16.15 -3.20
CA SER A 23 -2.61 16.96 -2.50
C SER A 23 -2.47 18.45 -2.81
N PRO A 24 -3.59 19.17 -2.87
CA PRO A 24 -3.62 20.61 -3.20
C PRO A 24 -3.40 21.51 -1.98
N VAL A 25 -2.26 21.33 -1.29
CA VAL A 25 -2.03 22.01 -0.03
C VAL A 25 -1.95 23.52 -0.20
N THR A 26 -1.48 24.01 -1.36
CA THR A 26 -1.38 25.46 -1.54
C THR A 26 -2.74 26.13 -1.56
N TYR A 27 -3.80 25.36 -1.81
CA TYR A 27 -5.17 25.85 -1.68
C TYR A 27 -5.74 25.58 -0.29
N THR A 28 -5.50 24.39 0.27
CA THR A 28 -6.23 24.02 1.48
C THR A 28 -5.56 24.51 2.77
N SER A 29 -4.25 24.73 2.78
CA SER A 29 -3.53 25.27 3.94
C SER A 29 -2.75 26.51 3.51
N PRO A 30 -3.47 27.56 3.13
CA PRO A 30 -2.81 28.74 2.56
C PRO A 30 -1.89 29.45 3.53
N LYS A 31 -2.22 29.48 4.83
CA LYS A 31 -1.38 30.25 5.74
C LYS A 31 -0.02 29.60 5.87
N ARG A 32 0.01 28.27 6.04
CA ARG A 32 1.30 27.59 6.17
C ARG A 32 2.07 27.64 4.85
N PHE A 33 1.38 27.55 3.72
CA PHE A 33 2.02 27.75 2.43
C PHE A 33 2.67 29.12 2.32
N GLU A 34 1.93 30.20 2.62
CA GLU A 34 2.50 31.54 2.54
C GLU A 34 3.66 31.72 3.51
N ARG A 35 3.56 31.15 4.71
CA ARG A 35 4.64 31.23 5.69
C ARG A 35 5.88 30.50 5.20
N ALA A 36 5.70 29.35 4.58
CA ALA A 36 6.84 28.57 4.11
C ALA A 36 7.56 29.29 2.99
N LYS A 37 6.81 29.83 2.02
CA LYS A 37 7.44 30.60 0.95
C LYS A 37 8.21 31.77 1.53
N SER A 38 7.60 32.48 2.48
CA SER A 38 8.25 33.65 3.05
C SER A 38 9.51 33.27 3.82
N TYR A 39 9.49 32.11 4.47
CA TYR A 39 10.67 31.65 5.19
C TYR A 39 11.86 31.54 4.24
N LEU A 40 11.67 30.88 3.11
CA LEU A 40 12.77 30.66 2.17
C LEU A 40 13.12 31.94 1.41
N LEU A 41 12.12 32.75 1.08
CA LEU A 41 12.40 34.04 0.45
C LEU A 41 13.21 34.92 1.38
N GLN A 42 12.85 34.95 2.66
CA GLN A 42 13.57 35.78 3.61
C GLN A 42 15.03 35.34 3.72
N LYS A 43 15.29 34.04 3.54
CA LYS A 43 16.66 33.53 3.56
C LYS A 43 17.43 33.89 2.31
N GLY A 44 16.77 34.43 1.29
CA GLY A 44 17.44 34.85 0.07
C GLY A 44 17.23 33.99 -1.16
N PHE A 45 16.38 32.96 -1.10
CA PHE A 45 16.07 32.18 -2.28
C PHE A 45 14.89 32.77 -3.03
N HIS A 46 14.79 32.40 -4.28
CA HIS A 46 13.64 32.71 -5.12
CA HIS A 46 13.62 32.72 -5.08
C HIS A 46 12.77 31.47 -5.22
N ILE A 47 11.45 31.66 -5.29
CA ILE A 47 10.54 30.55 -5.46
CA ILE A 47 10.50 30.57 -5.43
C ILE A 47 9.79 30.73 -6.77
N LEU A 48 9.82 29.70 -7.60
CA LEU A 48 9.04 29.63 -8.83
C LEU A 48 7.87 28.71 -8.57
N GLU A 49 6.66 29.29 -8.51
CA GLU A 49 5.44 28.54 -8.24
C GLU A 49 5.02 27.76 -9.47
N GLY A 50 4.92 26.45 -9.33
CA GLY A 50 4.45 25.62 -10.42
C GLY A 50 3.03 25.95 -10.83
N SER A 51 2.67 25.49 -12.03
CA SER A 51 1.43 25.86 -12.68
C SER A 51 0.16 25.42 -11.95
N LEU A 52 0.23 24.50 -10.99
CA LEU A 52 -0.95 24.09 -10.24
C LEU A 52 -1.01 24.74 -8.85
N THR A 53 -0.13 25.68 -8.57
CA THR A 53 -0.19 26.38 -7.30
C THR A 53 -1.52 27.13 -7.19
N GLY A 54 -2.19 26.95 -6.06
CA GLY A 54 -3.46 27.60 -5.83
C GLY A 54 -4.65 26.89 -6.46
N ARG A 55 -4.44 25.85 -7.25
CA ARG A 55 -5.55 25.14 -7.88
C ARG A 55 -6.08 24.04 -6.95
N TYR A 56 -7.28 23.56 -7.26
CA TYR A 56 -7.96 22.61 -6.38
C TYR A 56 -8.76 21.61 -7.21
N ASP A 57 -8.41 20.32 -7.07
CA ASP A 57 -9.20 19.23 -7.63
C ASP A 57 -9.48 18.22 -6.52
N TYR A 58 -10.01 18.70 -5.40
CA TYR A 58 -10.49 17.88 -4.30
C TYR A 58 -9.33 17.17 -3.62
N TYR A 59 -9.09 15.90 -3.93
CA TYR A 59 -8.00 15.19 -3.28
C TYR A 59 -6.67 15.44 -3.94
N ARG A 60 -6.67 16.14 -5.07
CA ARG A 60 -5.44 16.35 -5.83
C ARG A 60 -5.43 17.77 -6.39
N SER A 61 -4.26 18.16 -6.87
CA SER A 61 -4.02 19.47 -7.45
C SER A 61 -4.53 19.60 -8.87
N GLY A 62 -4.67 18.49 -9.58
CA GLY A 62 -5.10 18.50 -10.95
C GLY A 62 -5.03 17.08 -11.49
N SER A 63 -5.32 16.96 -12.79
CA SER A 63 -5.31 15.66 -13.45
C SER A 63 -3.89 15.10 -13.50
N ILE A 64 -3.79 13.81 -13.82
CA ILE A 64 -2.48 13.19 -14.01
C ILE A 64 -1.66 13.99 -15.02
N GLN A 65 -2.24 14.29 -16.17
CA GLN A 65 -1.47 15.02 -17.18
C GLN A 65 -1.10 16.43 -16.70
N GLU A 66 -2.00 17.13 -16.02
CA GLU A 66 -1.70 18.47 -15.50
C GLU A 66 -0.54 18.43 -14.51
N ARG A 67 -0.52 17.43 -13.63
CA ARG A 67 0.55 17.35 -12.64
C ARG A 67 1.88 16.99 -13.28
N ALA A 68 1.88 16.09 -14.28
CA ALA A 68 3.11 15.80 -15.02
C ALA A 68 3.60 17.05 -15.72
N LYS A 69 2.68 17.83 -16.32
CA LYS A 69 3.10 19.06 -16.99
CA LYS A 69 3.08 19.06 -17.00
C LYS A 69 3.70 20.05 -16.01
N GLU A 70 3.12 20.16 -14.82
CA GLU A 70 3.65 21.09 -13.83
C GLU A 70 5.08 20.74 -13.50
N LEU A 71 5.35 19.46 -13.21
CA LEU A 71 6.69 19.04 -12.83
C LEU A 71 7.65 19.15 -14.01
N ASN A 72 7.22 18.71 -15.19
CA ASN A 72 8.13 18.77 -16.34
C ASN A 72 8.54 20.20 -16.68
N ALA A 73 7.65 21.17 -16.47
CA ALA A 73 8.02 22.55 -16.77
C ALA A 73 9.19 22.98 -15.90
N LEU A 74 9.25 22.50 -14.66
CA LEU A 74 10.38 22.82 -13.78
C LEU A 74 11.62 22.04 -14.19
N ILE A 75 11.46 20.77 -14.56
CA ILE A 75 12.60 19.96 -14.99
C ILE A 75 13.28 20.60 -16.20
N ARG A 76 12.48 21.16 -17.12
CA ARG A 76 12.99 21.72 -18.37
C ARG A 76 13.48 23.15 -18.22
N ASN A 77 13.32 23.76 -17.05
CA ASN A 77 13.66 25.17 -16.88
C ASN A 77 15.11 25.27 -16.41
N PRO A 78 16.04 25.79 -17.23
CA PRO A 78 17.44 25.83 -16.81
C PRO A 78 17.72 26.80 -15.67
N ASN A 79 16.79 27.69 -15.33
CA ASN A 79 16.94 28.64 -14.24
C ASN A 79 16.57 28.06 -12.89
N VAL A 80 16.02 26.86 -12.85
CA VAL A 80 15.64 26.23 -11.59
C VAL A 80 16.79 25.33 -11.12
N SER A 81 17.22 25.50 -9.86
CA SER A 81 18.33 24.72 -9.30
CA SER A 81 18.32 24.69 -9.34
C SER A 81 17.84 23.61 -8.38
N CYS A 82 16.63 23.72 -7.87
CA CYS A 82 16.10 22.80 -6.88
C CYS A 82 14.61 22.67 -7.12
N ILE A 83 14.13 21.43 -7.17
CA ILE A 83 12.71 21.12 -7.38
C ILE A 83 12.20 20.45 -6.12
N SER A 85 8.74 19.39 -3.67
CA SER A 85 7.31 19.20 -3.58
C SER A 85 6.72 20.10 -2.50
N THR A 86 5.48 20.52 -2.71
CA THR A 86 4.81 21.31 -1.68
C THR A 86 4.39 20.45 -0.51
N ILE A 87 3.99 19.20 -0.80
CA ILE A 87 3.49 18.22 0.14
C ILE A 87 3.33 16.94 -0.65
N GLY A 88 3.09 15.83 0.04
CA GLY A 88 2.76 14.56 -0.59
C GLY A 88 1.26 14.38 -0.77
N GLY A 89 0.74 13.27 -0.29
CA GLY A 89 -0.61 12.82 -0.54
C GLY A 89 -0.61 11.33 -0.79
N ASN A 91 -0.69 10.33 -4.67
CA ASN A 91 -0.85 10.11 -6.09
C ASN A 91 0.33 10.56 -6.95
N SER A 92 1.49 10.80 -6.33
CA SER A 92 2.70 11.10 -7.09
C SER A 92 3.03 10.02 -8.11
N ASN A 93 2.77 8.74 -7.76
CA ASN A 93 3.17 7.64 -8.66
C ASN A 93 2.43 7.71 -9.99
N SER A 94 1.28 8.39 -10.06
CA SER A 94 0.57 8.52 -11.32
C SER A 94 1.39 9.23 -12.39
N LEU A 95 2.30 10.13 -11.98
CA LEU A 95 3.06 10.95 -12.92
C LEU A 95 4.18 10.19 -13.62
N LEU A 96 4.61 9.07 -13.05
CA LEU A 96 5.88 8.46 -13.43
C LEU A 96 6.00 8.11 -14.91
N PRO A 97 4.97 7.65 -15.63
CA PRO A 97 5.16 7.36 -17.05
C PRO A 97 5.42 8.60 -17.88
N TYR A 98 5.13 9.79 -17.34
CA TYR A 98 5.02 11.01 -18.13
C TYR A 98 6.11 12.02 -17.82
N ILE A 99 7.01 11.68 -16.91
CA ILE A 99 8.07 12.61 -16.52
C ILE A 99 9.16 12.61 -17.59
N ASP A 100 9.73 13.78 -17.83
CA ASP A 100 10.77 13.95 -18.85
C ASP A 100 12.13 13.61 -18.24
N TYR A 101 12.39 12.31 -18.10
CA TYR A 101 13.65 11.85 -17.51
C TYR A 101 14.83 12.26 -18.36
N ASP A 102 14.66 12.30 -19.67
CA ASP A 102 15.75 12.74 -20.54
C ASP A 102 16.12 14.19 -20.28
N ALA A 103 15.13 15.07 -20.09
CA ALA A 103 15.45 16.45 -19.76
C ALA A 103 16.15 16.55 -18.41
N PHE A 104 15.76 15.71 -17.43
CA PHE A 104 16.41 15.75 -16.14
C PHE A 104 17.85 15.28 -16.27
N GLN A 105 18.06 14.23 -17.04
CA GLN A 105 19.41 13.74 -17.26
C GLN A 105 20.26 14.78 -17.96
N ASN A 106 19.66 15.54 -18.88
CA ASN A 106 20.37 16.59 -19.60
C ASN A 106 20.80 17.73 -18.68
N ASN A 107 20.04 18.01 -17.63
CA ASN A 107 20.31 19.15 -16.74
C ASN A 107 19.88 18.78 -15.33
N PRO A 108 20.68 17.96 -14.65
CA PRO A 108 20.30 17.51 -13.30
C PRO A 108 20.16 18.63 -12.30
N LYS A 109 19.20 18.46 -11.39
CA LYS A 109 18.89 19.43 -10.36
C LYS A 109 18.70 18.67 -9.06
N ILE A 110 18.72 19.43 -7.97
CA ILE A 110 18.37 18.89 -6.65
C ILE A 110 16.87 18.62 -6.61
N ILE A 112 13.98 17.22 -4.20
CA ILE A 112 13.82 17.04 -2.77
C ILE A 112 12.35 17.02 -2.35
N GLY A 113 12.05 16.20 -1.35
CA GLY A 113 10.73 16.12 -0.75
C GLY A 113 10.68 14.85 0.09
N TYR A 114 9.49 14.50 0.53
CA TYR A 114 9.39 13.26 1.29
C TYR A 114 7.97 12.69 1.21
N SER A 115 7.73 11.62 1.98
CA SER A 115 6.43 10.97 2.05
C SER A 115 6.01 10.54 0.64
N ASP A 116 4.82 10.87 0.16
CA ASP A 116 4.39 10.38 -1.15
C ASP A 116 5.36 10.78 -2.27
N ALA A 117 6.10 11.87 -2.12
CA ALA A 117 7.05 12.26 -3.16
C ALA A 117 8.17 11.22 -3.35
N THR A 118 8.29 10.25 -2.42
CA THR A 118 9.20 9.12 -2.59
C THR A 118 9.04 8.50 -3.96
N ALA A 119 7.81 8.42 -4.47
CA ALA A 119 7.58 7.80 -5.77
C ALA A 119 8.43 8.49 -6.83
N LEU A 120 8.53 9.81 -6.76
CA LEU A 120 9.28 10.59 -7.74
C LEU A 120 10.77 10.60 -7.44
N LEU A 121 11.12 10.71 -6.16
CA LEU A 121 12.54 10.69 -5.77
C LEU A 121 13.19 9.40 -6.21
N LEU A 122 12.52 8.27 -5.98
CA LEU A 122 13.10 6.99 -6.39
C LEU A 122 12.95 6.76 -7.88
N GLY A 123 11.84 7.23 -8.48
CA GLY A 123 11.69 7.09 -9.93
C GLY A 123 12.77 7.83 -10.72
N ILE A 124 13.06 9.07 -10.31
CA ILE A 124 14.13 9.81 -10.99
C ILE A 124 15.46 9.11 -10.80
N TYR A 125 15.78 8.69 -9.57
CA TYR A 125 17.03 7.98 -9.36
C TYR A 125 17.09 6.70 -10.18
N ALA A 126 16.00 5.93 -10.22
CA ALA A 126 15.98 4.70 -10.99
C ALA A 126 16.23 4.96 -12.48
N LYS A 127 15.62 6.01 -13.02
CA LYS A 127 15.69 6.24 -14.45
C LYS A 127 16.96 6.96 -14.88
N THR A 128 17.58 7.73 -13.99
CA THR A 128 18.68 8.61 -14.38
C THR A 128 19.99 8.32 -13.64
N GLY A 129 19.94 7.62 -12.50
CA GLY A 129 21.11 7.42 -11.66
C GLY A 129 21.56 8.63 -10.87
N ILE A 130 20.86 9.75 -10.98
CA ILE A 130 21.23 10.94 -10.23
CA ILE A 130 21.21 10.96 -10.24
C ILE A 130 20.68 10.83 -8.79
N PRO A 131 21.50 11.03 -7.78
CA PRO A 131 20.98 10.97 -6.40
C PRO A 131 19.88 12.01 -6.22
N THR A 132 18.85 11.65 -5.44
CA THR A 132 17.78 12.56 -5.06
C THR A 132 17.75 12.64 -3.54
N PHE A 133 16.90 13.48 -2.97
CA PHE A 133 17.06 13.85 -1.57
C PHE A 133 15.77 13.65 -0.80
N TYR A 134 15.85 12.83 0.25
CA TYR A 134 14.74 12.67 1.18
C TYR A 134 14.88 13.78 2.20
N GLY A 135 13.99 14.76 2.15
CA GLY A 135 14.19 15.97 2.89
C GLY A 135 12.97 16.85 2.77
N PRO A 136 13.15 18.13 3.09
CA PRO A 136 11.99 19.02 3.28
C PRO A 136 11.05 19.07 2.08
N ALA A 137 9.76 19.04 2.37
CA ALA A 137 8.72 19.51 1.48
C ALA A 137 8.27 20.89 1.96
N LEU A 138 7.91 21.75 1.01
CA LEU A 138 7.77 23.17 1.33
C LEU A 138 6.84 23.40 2.52
N VAL A 139 5.61 22.89 2.45
CA VAL A 139 4.62 23.35 3.41
C VAL A 139 4.80 22.64 4.75
N PRO A 140 4.90 21.31 4.81
CA PRO A 140 5.11 20.68 6.13
C PRO A 140 6.41 21.09 6.78
N SER A 141 7.48 21.21 6.02
CA SER A 141 8.81 21.39 6.59
C SER A 141 9.17 22.85 6.81
N PHE A 142 9.01 23.70 5.80
CA PHE A 142 9.40 25.10 5.94
C PHE A 142 8.26 26.00 6.37
N GLY A 143 7.03 25.48 6.46
CA GLY A 143 5.94 26.19 7.11
C GLY A 143 5.87 25.98 8.60
N GLU A 144 6.73 25.10 9.12
CA GLU A 144 6.81 24.91 10.56
C GLU A 144 7.25 26.21 11.26
N PHE A 145 6.62 26.51 12.40
CA PHE A 145 7.03 27.66 13.18
C PHE A 145 8.39 27.44 13.83
N GLU A 146 9.02 28.54 14.18
CA GLU A 146 10.20 28.49 15.02
C GLU A 146 9.81 27.74 16.29
N PRO A 147 10.76 27.03 16.92
CA PRO A 147 12.18 26.97 16.58
C PRO A 147 12.57 25.84 15.63
N PHE A 148 11.70 24.84 15.48
CA PHE A 148 12.15 23.64 14.76
C PHE A 148 12.48 23.91 13.31
N VAL A 149 11.80 24.86 12.67
CA VAL A 149 12.09 25.11 11.26
C VAL A 149 13.54 25.52 11.07
N ASP A 150 14.13 26.20 12.06
CA ASP A 150 15.52 26.63 11.92
C ASP A 150 16.50 25.45 11.96
N ASP A 151 16.19 24.39 12.70
CA ASP A 151 17.04 23.21 12.66
C ASP A 151 16.91 22.50 11.32
N THR A 152 15.69 22.32 10.83
CA THR A 152 15.50 21.74 9.52
C THR A 152 16.25 22.53 8.46
N TYR A 153 16.14 23.86 8.53
CA TYR A 153 16.83 24.70 7.57
C TYR A 153 18.35 24.53 7.65
N LYS A 154 18.88 24.46 8.87
CA LYS A 154 20.31 24.23 9.06
C LYS A 154 20.77 22.96 8.36
N TYR A 155 20.04 21.85 8.53
CA TYR A 155 20.48 20.61 7.90
C TYR A 155 20.36 20.68 6.38
N PHE A 156 19.33 21.38 5.89
CA PHE A 156 19.14 21.61 4.47
C PHE A 156 20.32 22.35 3.86
N LEU A 157 20.75 23.44 4.50
CA LEU A 157 21.91 24.17 4.04
C LEU A 157 23.17 23.33 4.16
N GLU A 158 23.37 22.67 5.30
CA GLU A 158 24.61 21.93 5.48
C GLU A 158 24.78 20.87 4.41
N THR A 159 23.70 20.22 4.01
CA THR A 159 23.79 19.16 3.02
C THR A 159 23.75 19.66 1.58
N LEU A 160 22.99 20.70 1.28
CA LEU A 160 22.81 21.07 -0.13
C LEU A 160 23.61 22.28 -0.56
N LEU A 161 24.06 23.13 0.36
CA LEU A 161 24.74 24.37 -0.01
C LEU A 161 26.18 24.40 0.44
N HIS A 162 26.45 24.06 1.69
CA HIS A 162 27.82 24.09 2.20
C HIS A 162 28.68 23.00 1.56
N ASP A 163 29.95 23.31 1.39
CA ASP A 163 30.88 22.26 1.00
CA ASP A 163 30.96 22.31 1.04
C ASP A 163 31.07 21.30 2.17
N GLN A 164 31.15 20.01 1.85
CA GLN A 164 31.35 18.99 2.88
C GLN A 164 32.48 18.05 2.50
N ALA A 165 33.48 17.95 3.36
CA ALA A 165 34.48 16.91 3.22
C ALA A 165 33.87 15.57 3.57
N LEU A 166 34.41 14.51 2.98
CA LEU A 166 33.94 13.18 3.24
C LEU A 166 34.94 12.42 4.11
N PRO A 167 34.47 11.53 4.99
CA PRO A 167 33.08 11.22 5.34
C PRO A 167 32.35 12.40 5.97
N TYR A 168 31.08 12.55 5.61
CA TYR A 168 30.24 13.63 6.12
C TYR A 168 29.35 13.07 7.22
N ASN A 169 29.57 13.53 8.45
CA ASN A 169 28.80 13.08 9.60
C ASN A 169 27.43 13.74 9.67
N ILE A 170 26.37 12.94 9.82
CA ILE A 170 25.01 13.43 10.00
C ILE A 170 24.76 13.54 11.50
N LYS A 171 24.68 14.75 12.03
CA LYS A 171 24.58 14.89 13.47
C LYS A 171 23.16 14.63 13.94
N GLN A 172 23.06 14.12 15.16
CA GLN A 172 21.77 13.91 15.79
C GLN A 172 21.18 15.25 16.23
N PRO A 173 19.96 15.59 15.82
CA PRO A 173 19.29 16.75 16.41
C PRO A 173 19.20 16.60 17.92
N LEU A 174 19.24 17.73 18.63
CA LEU A 174 19.18 17.66 20.09
C LEU A 174 17.75 17.58 20.62
N PHE A 175 16.77 18.07 19.87
CA PHE A 175 15.39 18.15 20.33
C PHE A 175 14.48 17.72 19.18
N TRP A 176 13.28 17.24 19.53
CA TRP A 176 12.32 16.84 18.51
C TRP A 176 10.89 17.02 19.00
N SER A 177 9.96 16.96 18.06
CA SER A 177 8.54 16.94 18.39
C SER A 177 7.77 16.34 17.22
N ASP A 178 6.65 15.69 17.55
CA ASP A 178 5.68 15.28 16.54
C ASP A 178 4.28 15.80 16.88
N GLU A 179 4.18 16.83 17.71
CA GLU A 179 2.87 17.28 18.20
C GLU A 179 1.96 17.72 17.06
N PHE A 180 0.70 17.29 17.12
CA PHE A 180 -0.29 17.60 16.10
C PHE A 180 -0.96 18.95 16.42
N ILE A 181 -0.13 19.99 16.42
CA ILE A 181 -0.56 21.36 16.67
C ILE A 181 0.15 22.30 15.70
N ASN A 182 -0.27 23.57 15.74
CA ASN A 182 0.41 24.67 15.06
C ASN A 182 0.55 24.44 13.56
N TRP A 183 -0.52 23.94 12.92
CA TRP A 183 -0.46 23.70 11.48
C TRP A 183 -0.62 25.01 10.71
N GLU A 184 -1.81 25.62 10.73
CA GLU A 184 -2.01 26.93 10.09
C GLU A 184 -1.61 28.07 11.00
N GLU A 185 -2.03 28.02 12.26
CA GLU A 185 -1.76 29.07 13.24
C GLU A 185 -1.14 28.48 14.50
N LYS A 186 -0.31 29.28 15.16
CA LYS A 186 0.37 28.81 16.36
C LYS A 186 -0.51 29.12 17.58
N THR A 187 -0.69 28.13 18.45
CA THR A 187 -1.42 28.28 19.69
C THR A 187 -0.58 28.08 20.94
N LYS A 188 0.58 27.42 20.83
CA LYS A 188 1.47 27.27 21.97
C LYS A 188 2.79 26.75 21.44
N GLU A 189 3.80 26.74 22.30
CA GLU A 189 5.10 26.21 21.93
C GLU A 189 5.08 24.69 21.95
N LYS A 190 5.64 24.07 20.91
CA LYS A 190 5.86 22.64 20.94
C LYS A 190 6.91 22.33 22.00
N GLU A 191 6.73 21.18 22.64
CA GLU A 191 7.72 20.70 23.60
C GLU A 191 9.06 20.42 22.91
N LEU A 192 10.16 20.87 23.53
CA LEU A 192 11.50 20.54 23.05
C LEU A 192 11.93 19.23 23.73
N ARG A 193 11.51 18.14 23.14
CA ARG A 193 11.78 16.83 23.71
C ARG A 193 13.25 16.45 23.50
N PRO A 194 13.98 16.02 24.54
CA PRO A 194 15.34 15.52 24.32
C PRO A 194 15.34 14.38 23.33
N ASN A 195 16.29 14.44 22.38
CA ASN A 195 16.27 13.51 21.25
C ASN A 195 17.36 12.44 21.37
N ASN A 196 17.04 11.25 20.89
CA ASN A 196 18.03 10.19 20.73
C ASN A 196 17.69 9.35 19.52
N TRP A 197 18.72 8.73 18.97
CA TRP A 197 18.53 7.61 18.07
C TRP A 197 18.60 6.33 18.90
N ILE A 198 18.19 5.22 18.30
CA ILE A 198 18.06 3.96 19.02
C ILE A 198 18.91 2.87 18.39
N SER A 199 19.71 2.21 19.21
N SER A 199 19.79 2.27 19.19
CA SER A 199 20.55 1.08 18.78
CA SER A 199 20.53 1.07 18.83
C SER A 199 19.75 -0.20 18.96
C SER A 199 19.59 -0.11 19.03
N VAL A 200 18.90 -0.52 17.96
CA VAL A 200 17.97 -1.64 18.09
C VAL A 200 18.70 -2.97 18.02
N THR A 201 19.65 -3.07 17.07
CA THR A 201 20.46 -4.26 16.89
C THR A 201 21.86 -3.77 16.56
N ASN A 202 22.85 -4.22 17.33
CA ASN A 202 24.19 -3.67 17.20
C ASN A 202 24.84 -4.05 15.86
N GLY A 203 25.83 -3.27 15.46
CA GLY A 203 26.69 -3.58 14.32
C GLY A 203 26.88 -2.39 13.41
N GLN A 204 27.58 -2.63 12.33
CA GLN A 204 27.91 -1.60 11.35
C GLN A 204 27.58 -2.13 9.96
N ALA A 205 27.28 -1.21 9.06
CA ALA A 205 27.06 -1.56 7.67
C ALA A 205 27.50 -0.41 6.78
N THR A 206 28.07 -0.75 5.64
CA THR A 206 28.47 0.24 4.65
C THR A 206 27.86 -0.19 3.33
N GLY A 207 27.14 0.70 2.68
CA GLY A 207 26.49 0.37 1.43
C GLY A 207 25.73 1.54 0.88
N ARG A 208 25.26 1.36 -0.36
CA ARG A 208 24.39 2.33 -0.98
C ARG A 208 23.07 2.43 -0.22
N VAL A 209 22.66 3.63 0.16
CA VAL A 209 21.37 3.79 0.84
C VAL A 209 20.24 3.93 -0.18
N ILE A 210 19.20 3.15 0.02
CA ILE A 210 18.00 3.15 -0.82
C ILE A 210 16.79 3.15 0.09
N GLY A 211 15.78 3.95 -0.24
CA GLY A 211 14.49 3.87 0.44
C GLY A 211 13.81 5.24 0.50
N GLY A 212 13.04 5.44 1.56
CA GLY A 212 12.16 6.59 1.72
C GLY A 212 10.92 6.16 2.49
N ASN A 213 9.77 6.69 2.05
CA ASN A 213 8.50 6.38 2.72
C ASN A 213 8.03 4.97 2.33
N LEU A 214 7.92 4.09 3.32
CA LEU A 214 7.67 2.69 3.01
C LEU A 214 6.26 2.47 2.46
N ASN A 215 5.26 3.14 3.04
CA ASN A 215 3.92 3.06 2.50
C ASN A 215 3.89 3.42 1.02
N THR A 216 4.62 4.46 0.64
CA THR A 216 4.63 4.91 -0.75
C THR A 216 5.40 3.95 -1.64
N ILE A 217 6.45 3.32 -1.11
CA ILE A 217 7.21 2.36 -1.90
C ILE A 217 6.32 1.25 -2.45
N GLN A 218 5.31 0.83 -1.70
CA GLN A 218 4.41 -0.21 -2.17
C GLN A 218 3.65 0.19 -3.43
N GLY A 219 3.48 1.48 -3.73
CA GLY A 219 2.83 1.91 -4.93
C GLY A 219 3.71 1.96 -6.16
N ILE A 220 5.03 1.76 -6.02
CA ILE A 220 5.94 1.73 -7.16
C ILE A 220 6.73 0.43 -7.24
N TRP A 221 6.63 -0.44 -6.25
CA TRP A 221 7.42 -1.65 -6.21
C TRP A 221 7.21 -2.50 -7.47
N GLY A 222 8.31 -3.07 -7.96
CA GLY A 222 8.30 -3.93 -9.11
C GLY A 222 8.35 -3.24 -10.45
N SER A 223 8.17 -1.92 -10.49
CA SER A 223 8.12 -1.17 -11.73
C SER A 223 9.49 -0.67 -12.13
N PRO A 224 9.60 -0.13 -13.35
CA PRO A 224 10.87 0.46 -13.77
C PRO A 224 11.30 1.64 -12.93
N TYR A 225 10.40 2.19 -12.10
CA TYR A 225 10.67 3.37 -11.30
C TYR A 225 11.15 3.05 -9.89
N PRO A 227 14.16 1.48 -7.90
CA PRO A 227 15.52 0.95 -8.07
C PRO A 227 15.63 -0.42 -7.46
N CYS A 228 16.34 -1.32 -8.14
CA CYS A 228 16.53 -2.66 -7.61
CA CYS A 228 16.54 -2.66 -7.61
C CYS A 228 17.37 -2.59 -6.35
N ILE A 229 16.94 -3.29 -5.31
CA ILE A 229 17.74 -3.36 -4.09
C ILE A 229 18.78 -4.45 -4.28
N GLN A 230 20.03 -4.12 -3.98
CA GLN A 230 21.16 -4.98 -4.30
C GLN A 230 21.83 -5.47 -3.03
N GLU A 231 22.51 -6.60 -3.14
CA GLU A 231 23.26 -7.14 -2.02
C GLU A 231 24.14 -6.07 -1.39
N GLY A 232 24.04 -5.89 -0.09
CA GLY A 232 24.85 -4.94 0.64
C GLY A 232 24.27 -3.54 0.80
N ASP A 233 23.17 -3.22 0.13
CA ASP A 233 22.53 -1.92 0.31
C ASP A 233 22.14 -1.72 1.77
N ILE A 234 22.05 -0.47 2.16
CA ILE A 234 21.44 -0.05 3.41
C ILE A 234 20.03 0.40 3.11
N LEU A 235 19.05 -0.21 3.78
CA LEU A 235 17.65 0.15 3.61
C LEU A 235 17.31 1.30 4.56
N PHE A 236 16.84 2.41 4.02
CA PHE A 236 16.28 3.51 4.81
C PHE A 236 14.77 3.51 4.62
N ILE A 237 14.01 3.39 5.71
CA ILE A 237 12.55 3.38 5.64
C ILE A 237 11.97 4.23 6.77
N GLU A 238 10.85 4.87 6.47
CA GLU A 238 10.07 5.53 7.50
C GLU A 238 8.62 5.46 7.09
N ASP A 239 7.76 5.39 8.08
CA ASP A 239 6.35 5.71 7.93
C ASP A 239 5.96 6.72 9.01
N SER A 240 4.88 7.44 8.73
CA SER A 240 4.37 8.51 9.54
C SER A 240 2.86 8.42 9.66
N SER A 241 2.35 8.67 10.87
CA SER A 241 0.90 8.77 11.14
C SER A 241 0.12 7.55 10.63
N LYS A 242 0.68 6.35 10.86
CA LYS A 242 0.00 5.07 10.56
C LYS A 242 -0.19 4.29 11.86
N ASP A 243 -0.53 3.02 11.74
CA ASP A 243 -0.81 2.19 12.91
C ASP A 243 -0.05 0.88 12.78
N ALA A 244 -0.11 0.09 13.85
CA ALA A 244 0.65 -1.15 13.93
C ALA A 244 0.26 -2.12 12.82
N ALA A 245 -1.03 -2.22 12.49
CA ALA A 245 -1.46 -3.14 11.45
C ALA A 245 -0.87 -2.75 10.11
N THR A 246 -0.90 -1.46 9.79
CA THR A 246 -0.37 -0.98 8.52
C THR A 246 1.12 -1.29 8.40
N ILE A 247 1.90 -1.01 9.45
CA ILE A 247 3.35 -1.18 9.28
C ILE A 247 3.75 -2.65 9.35
N GLU A 248 3.01 -3.51 10.06
CA GLU A 248 3.29 -4.93 9.96
C GLU A 248 3.11 -5.41 8.52
N ARG A 249 2.03 -4.96 7.85
CA ARG A 249 1.85 -5.34 6.44
C ARG A 249 3.06 -4.91 5.62
N SER A 250 3.53 -3.68 5.82
CA SER A 250 4.64 -3.19 5.00
C SER A 250 5.94 -3.88 5.32
N PHE A 251 6.19 -4.19 6.59
CA PHE A 251 7.39 -4.92 6.95
C PHE A 251 7.39 -6.33 6.37
N SER A 252 6.24 -7.03 6.45
CA SER A 252 6.16 -8.36 5.85
C SER A 252 6.26 -8.28 4.34
N PHE A 253 5.74 -7.23 3.72
CA PHE A 253 5.94 -7.01 2.29
C PHE A 253 7.42 -7.01 1.92
N LEU A 254 8.26 -6.33 2.70
CA LEU A 254 9.70 -6.36 2.44
C LEU A 254 10.27 -7.75 2.67
N LYS A 255 9.87 -8.40 3.76
CA LYS A 255 10.35 -9.74 4.09
C LYS A 255 10.07 -10.74 2.97
N ILE A 256 8.82 -10.80 2.49
CA ILE A 256 8.50 -11.83 1.50
C ILE A 256 9.10 -11.50 0.15
N ASN A 257 9.52 -10.25 -0.07
CA ASN A 257 10.25 -9.86 -1.26
C ASN A 257 11.76 -10.12 -1.15
N GLY A 258 12.22 -10.69 -0.05
CA GLY A 258 13.63 -11.00 0.07
C GLY A 258 14.51 -9.82 0.39
N VAL A 259 13.94 -8.66 0.70
CA VAL A 259 14.76 -7.48 0.91
C VAL A 259 15.73 -7.69 2.07
N PHE A 260 15.29 -8.35 3.12
CA PHE A 260 16.14 -8.51 4.29
C PHE A 260 17.23 -9.55 4.10
N ASP A 261 17.12 -10.37 3.06
CA ASP A 261 18.23 -11.22 2.68
C ASP A 261 19.34 -10.45 1.99
N LYS A 262 19.07 -9.27 1.45
CA LYS A 262 20.03 -8.50 0.68
C LYS A 262 20.71 -7.39 1.48
N VAL A 263 19.96 -6.68 2.32
CA VAL A 263 20.50 -5.46 2.89
C VAL A 263 21.51 -5.78 3.98
N SER A 264 22.49 -4.88 4.15
CA SER A 264 23.49 -5.02 5.20
C SER A 264 23.07 -4.36 6.51
N GLY A 265 22.14 -3.42 6.46
CA GLY A 265 21.68 -2.73 7.66
C GLY A 265 20.41 -1.97 7.33
N ILE A 266 19.72 -1.52 8.37
CA ILE A 266 18.46 -0.81 8.25
C ILE A 266 18.50 0.45 9.08
N ILE A 267 18.06 1.58 8.50
CA ILE A 267 17.81 2.84 9.18
C ILE A 267 16.30 3.05 9.18
N LEU A 268 15.72 3.16 10.36
CA LEU A 268 14.28 3.35 10.52
C LEU A 268 14.00 4.75 11.09
N GLY A 269 13.16 5.49 10.39
CA GLY A 269 12.79 6.81 10.84
C GLY A 269 11.91 6.75 12.08
N LYS A 270 11.82 7.88 12.78
CA LYS A 270 10.76 8.03 13.76
C LYS A 270 9.42 7.86 13.09
N HIS A 271 8.42 7.49 13.91
CA HIS A 271 7.06 7.29 13.41
C HIS A 271 6.13 8.30 14.09
N GLU A 272 5.91 9.41 13.39
CA GLU A 272 5.03 10.47 13.87
C GLU A 272 3.67 9.92 14.30
N GLN A 273 3.25 10.28 15.51
CA GLN A 273 1.88 9.99 15.97
C GLN A 273 1.51 8.53 15.77
N PHE A 274 2.45 7.62 16.04
CA PHE A 274 2.19 6.20 15.82
C PHE A 274 1.02 5.71 16.65
N ASP A 275 0.09 5.00 16.01
CA ASP A 275 -1.02 4.36 16.70
C ASP A 275 -0.64 2.91 16.92
N ASP A 276 -0.29 2.55 18.17
CA ASP A 276 0.12 1.18 18.48
C ASP A 276 -1.06 0.21 18.68
N CYS A 277 -2.28 0.68 18.47
CA CYS A 277 -3.48 -0.15 18.51
C CYS A 277 -3.70 -0.79 19.87
N GLY A 278 -3.12 -0.22 20.93
CA GLY A 278 -3.28 -0.75 22.28
C GLY A 278 -2.18 -1.69 22.70
N THR A 279 -1.30 -2.08 21.77
CA THR A 279 -0.24 -3.06 22.04
C THR A 279 0.90 -2.50 22.87
N ASN A 280 1.08 -1.18 22.88
CA ASN A 280 2.24 -0.52 23.49
CA ASN A 280 2.23 -0.49 23.46
C ASN A 280 3.56 -0.91 22.84
N ARG A 281 3.52 -1.46 21.64
CA ARG A 281 4.73 -1.83 20.90
C ARG A 281 5.25 -0.65 20.10
N LYS A 282 6.56 -0.61 19.96
CA LYS A 282 7.24 0.37 19.10
C LYS A 282 7.33 -0.18 17.68
N PRO A 283 7.38 0.70 16.68
CA PRO A 283 7.54 0.22 15.31
C PRO A 283 8.71 -0.74 15.16
N TYR A 284 9.87 -0.46 15.77
CA TYR A 284 10.98 -1.40 15.58
C TYR A 284 10.73 -2.76 16.20
N GLU A 285 9.88 -2.86 17.22
CA GLU A 285 9.56 -4.16 17.81
C GLU A 285 8.73 -5.01 16.84
N ILE A 286 7.84 -4.37 16.08
CA ILE A 286 7.04 -5.09 15.10
C ILE A 286 7.93 -5.53 13.95
N LEU A 287 8.81 -4.66 13.49
CA LEU A 287 9.78 -5.03 12.47
C LEU A 287 10.63 -6.21 12.93
N LEU A 288 11.12 -6.18 14.17
CA LEU A 288 11.96 -7.27 14.61
C LEU A 288 11.19 -8.58 14.69
N GLU A 289 9.88 -8.56 15.01
CA GLU A 289 9.13 -9.82 14.92
C GLU A 289 9.14 -10.34 13.48
N VAL A 290 8.92 -9.46 12.51
CA VAL A 290 8.93 -9.87 11.12
C VAL A 290 10.29 -10.44 10.75
N LEU A 291 11.38 -9.85 11.27
CA LEU A 291 12.71 -10.36 10.98
C LEU A 291 12.96 -11.74 11.57
N GLN A 292 12.24 -12.13 12.60
CA GLN A 292 12.38 -13.47 13.23
C GLN A 292 13.84 -13.67 13.66
N ASN A 293 14.50 -14.74 13.22
CA ASN A 293 15.82 -15.10 13.69
C ASN A 293 16.94 -14.54 12.81
N GLN A 294 16.63 -13.59 11.92
CA GLN A 294 17.64 -12.93 11.10
C GLN A 294 18.15 -11.67 11.78
N ARG A 295 19.44 -11.66 12.11
CA ARG A 295 20.07 -10.53 12.79
C ARG A 295 20.57 -9.51 11.76
N ILE A 296 20.09 -8.27 11.86
CA ILE A 296 20.48 -7.19 10.94
C ILE A 296 20.75 -5.94 11.75
N PRO A 297 21.92 -5.30 11.64
CA PRO A 297 22.16 -4.03 12.34
C PRO A 297 21.07 -3.04 12.00
N LEU A 298 20.58 -2.34 13.02
CA LEU A 298 19.38 -1.52 12.86
C LEU A 298 19.47 -0.31 13.79
N LEU A 299 19.40 0.87 13.19
CA LEU A 299 19.39 2.15 13.88
C LEU A 299 18.01 2.77 13.68
N ALA A 300 17.30 3.02 14.76
CA ALA A 300 15.93 3.51 14.67
C ALA A 300 15.76 4.92 15.27
N ASP A 301 14.57 5.46 15.08
CA ASP A 301 14.19 6.83 15.46
C ASP A 301 15.08 7.87 14.78
N PHE A 302 15.49 7.58 13.55
CA PHE A 302 16.24 8.54 12.76
C PHE A 302 15.35 9.72 12.35
N ASP A 303 15.89 10.94 12.41
CA ASP A 303 15.12 12.17 12.20
C ASP A 303 15.08 12.57 10.72
N CYS A 304 14.45 11.70 9.90
CA CYS A 304 14.31 11.94 8.46
C CYS A 304 12.94 11.40 8.06
N CYS A 305 11.91 12.17 8.44
CA CYS A 305 10.52 11.70 8.41
C CYS A 305 9.64 12.90 8.70
N HIS A 306 8.40 12.68 9.14
CA HIS A 306 7.49 13.80 9.36
C HIS A 306 7.67 14.48 10.71
N THR A 307 8.43 13.90 11.63
CA THR A 307 8.72 14.57 12.89
C THR A 307 9.65 15.75 12.62
N HIS A 308 9.68 16.71 13.56
CA HIS A 308 10.51 17.90 13.44
C HIS A 308 11.64 17.82 14.45
N PRO A 309 12.87 18.15 14.03
CA PRO A 309 13.26 18.68 12.73
C PRO A 309 13.61 17.56 11.78
N ILE A 311 16.24 15.99 8.86
CA ILE A 311 17.50 15.87 8.17
C ILE A 311 17.25 15.76 6.66
N THR A 312 18.15 16.30 5.85
CA THR A 312 18.15 16.10 4.41
C THR A 312 19.11 14.97 4.08
N PRO A 314 20.73 12.33 1.27
CA PRO A 314 20.93 11.86 -0.09
C PRO A 314 20.56 10.39 -0.19
N ILE A 315 19.96 10.03 -1.31
CA ILE A 315 19.60 8.66 -1.63
C ILE A 315 20.38 8.22 -2.86
N GLY A 316 20.93 7.02 -2.80
CA GLY A 316 21.63 6.44 -3.92
C GLY A 316 23.13 6.56 -3.83
N VAL A 317 23.65 6.96 -2.68
CA VAL A 317 25.08 7.10 -2.46
C VAL A 317 25.51 6.23 -1.29
N GLN A 318 26.82 5.92 -1.26
CA GLN A 318 27.39 5.10 -0.19
C GLN A 318 27.32 5.79 1.16
N VAL A 319 26.93 5.01 2.17
CA VAL A 319 26.80 5.46 3.54
C VAL A 319 27.41 4.43 4.46
N LYS A 320 27.92 4.89 5.61
CA LYS A 320 28.25 3.98 6.71
C LYS A 320 27.31 4.25 7.87
N ASP A 322 26.50 3.00 11.79
CA ASP A 322 27.01 2.31 12.98
C ASP A 322 25.86 2.29 13.97
N ALA A 323 25.16 1.16 14.05
CA ALA A 323 24.02 1.07 14.95
C ALA A 323 24.45 0.95 16.39
N THR A 324 25.66 0.45 16.64
CA THR A 324 26.16 0.33 18.01
C THR A 324 26.41 1.70 18.60
N ASN A 325 27.06 2.58 17.85
CA ASN A 325 27.42 3.90 18.32
C ASN A 325 26.48 4.98 17.84
N LYS A 326 25.48 4.62 17.03
CA LYS A 326 24.45 5.52 16.53
C LYS A 326 25.05 6.68 15.74
N THR A 327 25.77 6.33 14.68
CA THR A 327 26.32 7.31 13.74
C THR A 327 25.90 6.97 12.30
N ILE A 328 25.84 8.00 11.48
CA ILE A 328 25.57 7.90 10.05
C ILE A 328 26.53 8.84 9.36
N HIS A 329 27.33 8.32 8.43
CA HIS A 329 28.23 9.12 7.61
C HIS A 329 27.94 8.89 6.13
N ILE A 330 27.95 9.97 5.34
CA ILE A 330 27.86 9.86 3.89
C ILE A 330 29.29 9.76 3.33
N LEU A 331 29.53 8.79 2.45
CA LEU A 331 30.87 8.49 2.00
C LEU A 331 31.18 8.84 0.57
N GLU A 332 30.20 9.34 -0.18
CA GLU A 332 30.33 9.59 -1.61
C GLU A 332 29.66 10.92 -1.91
N LYS A 333 30.24 11.69 -2.83
CA LYS A 333 29.67 12.98 -3.20
C LYS A 333 28.25 12.83 -3.71
N TRP A 334 27.41 13.82 -3.40
CA TRP A 334 26.04 13.89 -3.88
C TRP A 334 25.73 15.19 -4.60
N LYS A 335 26.68 16.12 -4.68
CA LYS A 335 26.49 17.38 -5.37
CA LYS A 335 26.49 17.38 -5.37
C LYS A 335 27.85 17.90 -5.80
N ILE A 336 27.83 18.79 -6.80
CA ILE A 336 29.05 19.48 -7.20
C ILE A 336 29.14 20.80 -6.43
N ARG B 2 -5.44 13.80 10.96
CA ARG B 2 -6.19 13.88 9.71
C ARG B 2 -7.03 12.65 9.57
N THR B 3 -8.15 12.72 8.85
CA THR B 3 -9.00 11.56 8.68
C THR B 3 -8.39 10.59 7.70
N GLY B 4 -7.59 11.13 6.79
CA GLY B 4 -6.87 10.51 5.68
C GLY B 4 -5.74 9.54 5.99
N ASN B 5 -5.44 8.83 4.92
CA ASN B 5 -4.42 7.79 4.79
C ASN B 5 -3.28 8.32 3.96
N ALA B 6 -3.15 9.64 3.90
CA ALA B 6 -2.08 10.15 3.08
C ALA B 6 -0.70 10.05 3.69
N PRO C 5 -3.86 -30.10 -10.29
CA PRO C 5 -4.67 -30.82 -9.29
C PRO C 5 -5.72 -29.88 -8.73
N LEU C 6 -6.82 -30.48 -8.29
CA LEU C 6 -8.00 -29.71 -7.95
C LEU C 6 -8.58 -30.19 -6.63
N PRO C 7 -9.18 -29.29 -5.87
CA PRO C 7 -9.84 -29.69 -4.62
C PRO C 7 -11.13 -30.43 -4.88
N LYS C 8 -11.50 -31.28 -3.93
CA LYS C 8 -12.81 -31.93 -4.02
C LYS C 8 -13.94 -30.94 -3.76
N SER C 9 -15.06 -31.13 -4.45
CA SER C 9 -16.25 -30.34 -4.17
C SER C 9 -16.64 -30.49 -2.70
N LEU C 10 -17.18 -29.40 -2.15
CA LEU C 10 -17.81 -29.41 -0.84
C LEU C 10 -19.04 -30.32 -0.86
N LYS C 11 -19.28 -31.04 0.25
CA LYS C 11 -20.46 -31.86 0.46
C LYS C 11 -21.10 -31.52 1.80
N TYR C 12 -22.44 -31.64 1.85
CA TYR C 12 -23.13 -31.54 3.13
C TYR C 12 -22.59 -32.59 4.09
N GLY C 13 -22.32 -32.17 5.31
CA GLY C 13 -21.68 -33.02 6.30
C GLY C 13 -20.18 -32.83 6.40
N ASP C 14 -19.59 -32.07 5.48
CA ASP C 14 -18.19 -31.74 5.54
C ASP C 14 -17.89 -30.75 6.67
N THR C 15 -16.63 -30.70 7.03
CA THR C 15 -16.14 -29.75 8.03
C THR C 15 -15.41 -28.59 7.37
N ILE C 16 -15.83 -27.39 7.73
CA ILE C 16 -15.20 -26.14 7.31
C ILE C 16 -14.30 -25.70 8.46
N GLY C 17 -13.01 -25.56 8.18
CA GLY C 17 -12.09 -25.08 9.19
C GLY C 17 -11.97 -23.58 9.06
N ILE C 18 -12.01 -22.88 10.18
CA ILE C 18 -11.94 -21.43 10.18
C ILE C 18 -10.68 -20.98 10.91
N TYR C 19 -10.10 -19.89 10.43
CA TYR C 19 -8.85 -19.37 10.96
C TYR C 19 -8.91 -17.85 10.83
N SER C 20 -8.09 -17.18 11.65
CA SER C 20 -8.07 -15.71 11.76
C SER C 20 -6.68 -15.20 11.42
N PRO C 21 -6.37 -15.01 10.14
CA PRO C 21 -5.00 -14.65 9.73
C PRO C 21 -4.64 -13.22 10.04
N SER C 22 -5.61 -12.42 10.47
CA SER C 22 -5.33 -11.02 10.77
C SER C 22 -6.21 -10.54 11.94
N SER C 23 -7.30 -9.82 11.70
CA SER C 23 -8.07 -9.22 12.78
C SER C 23 -8.74 -10.27 13.66
N PRO C 24 -8.83 -10.02 14.96
CA PRO C 24 -9.43 -10.98 15.90
C PRO C 24 -10.96 -10.85 16.02
N VAL C 25 -11.65 -11.00 14.89
CA VAL C 25 -13.09 -10.74 14.85
C VAL C 25 -13.88 -11.69 15.73
N THR C 26 -13.40 -12.91 15.96
CA THR C 26 -14.19 -13.82 16.79
C THR C 26 -14.23 -13.33 18.24
N TYR C 27 -13.33 -12.45 18.63
CA TYR C 27 -13.37 -11.81 19.94
C TYR C 27 -14.14 -10.48 19.91
N THR C 28 -13.94 -9.67 18.87
CA THR C 28 -14.48 -8.32 18.86
C THR C 28 -15.92 -8.23 18.37
N SER C 29 -16.39 -9.18 17.54
CA SER C 29 -17.78 -9.21 17.06
C SER C 29 -18.36 -10.60 17.31
N PRO C 30 -18.54 -10.96 18.57
CA PRO C 30 -18.97 -12.32 18.89
C PRO C 30 -20.36 -12.64 18.43
N LYS C 31 -21.27 -11.66 18.36
CA LYS C 31 -22.64 -12.02 17.97
C LYS C 31 -22.69 -12.39 16.51
N ARG C 32 -22.01 -11.62 15.66
CA ARG C 32 -22.03 -11.94 14.25
C ARG C 32 -21.29 -13.26 14.00
N PHE C 33 -20.22 -13.49 14.75
CA PHE C 33 -19.50 -14.76 14.67
C PHE C 33 -20.41 -15.95 14.99
N GLU C 34 -21.13 -15.89 16.11
CA GLU C 34 -22.00 -17.00 16.49
C GLU C 34 -23.13 -17.18 15.47
N ARG C 35 -23.65 -16.08 14.94
CA ARG C 35 -24.71 -16.16 13.94
C ARG C 35 -24.20 -16.84 12.68
N ALA C 36 -22.97 -16.52 12.27
CA ALA C 36 -22.38 -17.10 11.08
C ALA C 36 -22.17 -18.60 11.24
N LYS C 37 -21.63 -19.02 12.37
CA LYS C 37 -21.47 -20.44 12.63
C LYS C 37 -22.81 -21.16 12.57
N SER C 38 -23.82 -20.60 13.25
CA SER C 38 -25.11 -21.26 13.32
C SER C 38 -25.73 -21.35 11.94
N TYR C 39 -25.54 -20.34 11.12
CA TYR C 39 -26.08 -20.37 9.76
C TYR C 39 -25.57 -21.58 9.00
N LEU C 40 -24.24 -21.81 9.03
CA LEU C 40 -23.65 -22.91 8.27
C LEU C 40 -23.93 -24.26 8.93
N LEU C 41 -24.03 -24.30 10.26
CA LEU C 41 -24.41 -25.55 10.91
C LEU C 41 -25.81 -25.96 10.50
N GLN C 42 -26.71 -24.99 10.40
CA GLN C 42 -28.08 -25.31 10.02
C GLN C 42 -28.16 -25.79 8.59
N LYS C 43 -27.29 -25.29 7.73
CA LYS C 43 -27.24 -25.76 6.34
C LYS C 43 -26.73 -27.18 6.25
N GLY C 44 -25.95 -27.62 7.24
CA GLY C 44 -25.48 -28.99 7.21
C GLY C 44 -23.98 -29.15 7.21
N PHE C 45 -23.26 -28.11 7.56
CA PHE C 45 -21.81 -28.21 7.64
C PHE C 45 -21.40 -28.21 9.11
N HIS C 46 -20.21 -28.73 9.37
CA HIS C 46 -19.59 -28.60 10.68
C HIS C 46 -18.51 -27.54 10.60
N ILE C 47 -18.22 -26.93 11.75
CA ILE C 47 -17.18 -25.92 11.82
C ILE C 47 -16.10 -26.41 12.78
N LEU C 48 -14.87 -26.38 12.32
CA LEU C 48 -13.71 -26.64 13.16
C LEU C 48 -13.06 -25.29 13.44
N GLU C 49 -13.09 -24.86 14.69
CA GLU C 49 -12.55 -23.57 15.07
C GLU C 49 -11.04 -23.66 15.23
N GLY C 50 -10.32 -22.85 14.45
CA GLY C 50 -8.87 -22.80 14.55
C GLY C 50 -8.41 -22.38 15.94
N SER C 51 -7.13 -22.64 16.21
CA SER C 51 -6.57 -22.45 17.53
C SER C 51 -6.55 -21.01 18.02
N LEU C 52 -6.73 -20.00 17.17
CA LEU C 52 -6.76 -18.62 17.64
C LEU C 52 -8.18 -18.08 17.80
N THR C 53 -9.20 -18.93 17.63
CA THR C 53 -10.56 -18.49 17.82
C THR C 53 -10.77 -18.03 19.25
N GLY C 54 -11.34 -16.84 19.42
CA GLY C 54 -11.56 -16.26 20.72
C GLY C 54 -10.38 -15.53 21.32
N ARG C 55 -9.22 -15.57 20.68
CA ARG C 55 -8.03 -14.93 21.20
C ARG C 55 -7.96 -13.47 20.74
N TYR C 56 -7.16 -12.67 21.44
CA TYR C 56 -7.11 -11.25 21.16
C TYR C 56 -5.69 -10.73 21.33
N ASP C 57 -5.10 -10.19 20.27
CA ASP C 57 -3.86 -9.44 20.35
C ASP C 57 -4.04 -8.09 19.67
N TYR C 58 -5.08 -7.37 20.10
CA TYR C 58 -5.33 -5.98 19.74
C TYR C 58 -5.71 -5.90 18.27
N TYR C 59 -4.77 -5.61 17.38
CA TYR C 59 -5.12 -5.50 15.98
C TYR C 59 -5.07 -6.83 15.26
N ARG C 60 -4.61 -7.89 15.93
CA ARG C 60 -4.48 -9.19 15.31
C ARG C 60 -4.88 -10.27 16.31
N SER C 61 -5.01 -11.50 15.77
CA SER C 61 -5.40 -12.65 16.55
C SER C 61 -4.24 -13.20 17.38
N GLY C 62 -3.02 -12.99 16.91
CA GLY C 62 -1.86 -13.57 17.56
C GLY C 62 -0.59 -13.26 16.79
N SER C 63 0.52 -13.78 17.32
CA SER C 63 1.82 -13.63 16.67
C SER C 63 1.83 -14.21 15.25
N ILE C 64 2.85 -13.84 14.48
CA ILE C 64 3.07 -14.39 13.15
C ILE C 64 3.12 -15.91 13.22
N GLN C 65 3.95 -16.44 14.11
CA GLN C 65 4.10 -17.88 14.18
C GLN C 65 2.81 -18.57 14.57
N GLU C 66 2.07 -18.01 15.52
CA GLU C 66 0.84 -18.66 15.97
C GLU C 66 -0.22 -18.65 14.88
N ARG C 67 -0.27 -17.58 14.08
CA ARG C 67 -1.25 -17.54 13.00
C ARG C 67 -0.89 -18.53 11.90
N ALA C 68 0.39 -18.66 11.59
CA ALA C 68 0.81 -19.69 10.65
C ALA C 68 0.46 -21.09 11.17
N LYS C 69 0.70 -21.33 12.46
CA LYS C 69 0.38 -22.63 13.04
C LYS C 69 -1.11 -22.91 12.96
N GLU C 70 -1.93 -21.87 13.21
CA GLU C 70 -3.37 -22.04 13.17
C GLU C 70 -3.82 -22.52 11.79
N LEU C 71 -3.35 -21.86 10.75
CA LEU C 71 -3.73 -22.24 9.39
C LEU C 71 -3.13 -23.58 8.98
N ASN C 72 -1.85 -23.79 9.32
CA ASN C 72 -1.23 -25.06 8.93
C ASN C 72 -1.92 -26.27 9.54
N ALA C 73 -2.43 -26.14 10.76
CA ALA C 73 -3.13 -27.27 11.36
C ALA C 73 -4.36 -27.64 10.54
N LEU C 74 -5.02 -26.66 9.93
CA LEU C 74 -6.18 -26.94 9.10
C LEU C 74 -5.76 -27.56 7.77
N ILE C 75 -4.69 -27.04 7.17
CA ILE C 75 -4.16 -27.58 5.93
C ILE C 75 -3.84 -29.06 6.09
N ARG C 76 -3.23 -29.40 7.22
CA ARG C 76 -2.77 -30.75 7.49
C ARG C 76 -3.85 -31.68 8.00
N ASN C 77 -5.07 -31.18 8.24
CA ASN C 77 -6.12 -32.00 8.84
C ASN C 77 -6.92 -32.68 7.73
N PRO C 78 -6.81 -34.00 7.56
CA PRO C 78 -7.55 -34.68 6.48
C PRO C 78 -9.05 -34.60 6.64
N ASN C 79 -9.58 -34.25 7.81
CA ASN C 79 -11.01 -34.16 8.04
C ASN C 79 -11.62 -32.83 7.58
N VAL C 80 -10.81 -31.87 7.18
CA VAL C 80 -11.27 -30.53 6.80
C VAL C 80 -11.28 -30.46 5.27
N SER C 81 -12.44 -30.13 4.68
CA SER C 81 -12.58 -30.05 3.22
CA SER C 81 -12.53 -30.05 3.21
C SER C 81 -12.51 -28.62 2.69
N CYS C 82 -12.65 -27.64 3.56
CA CYS C 82 -12.74 -26.25 3.17
C CYS C 82 -12.14 -25.42 4.29
N ILE C 83 -11.28 -24.47 3.93
CA ILE C 83 -10.60 -23.60 4.87
C ILE C 83 -11.02 -22.17 4.54
N SER C 85 -11.35 -18.04 5.91
CA SER C 85 -10.96 -16.99 6.85
C SER C 85 -12.19 -16.49 7.61
N THR C 86 -11.98 -16.11 8.88
CA THR C 86 -13.06 -15.49 9.64
C THR C 86 -13.33 -14.07 9.17
N ILE C 87 -12.28 -13.36 8.79
CA ILE C 87 -12.27 -11.97 8.33
C ILE C 87 -10.87 -11.69 7.85
N GLY C 88 -10.67 -10.56 7.17
CA GLY C 88 -9.35 -10.08 6.84
C GLY C 88 -8.75 -9.18 7.90
N GLY C 89 -8.36 -7.98 7.51
CA GLY C 89 -7.58 -7.08 8.31
C GLY C 89 -6.47 -6.49 7.45
N ASN C 91 -2.91 -8.19 7.85
CA ASN C 91 -1.66 -8.86 8.18
C ASN C 91 -1.58 -10.32 7.75
N SER C 92 -2.44 -10.77 6.83
CA SER C 92 -2.33 -12.14 6.34
C SER C 92 -0.99 -12.39 5.64
N ASN C 93 -0.42 -11.36 4.99
CA ASN C 93 0.82 -11.58 4.23
C ASN C 93 1.98 -11.97 5.16
N SER C 94 1.88 -11.68 6.45
CA SER C 94 2.93 -12.09 7.38
C SER C 94 3.12 -13.60 7.40
N LEU C 95 2.04 -14.37 7.13
CA LEU C 95 2.08 -15.82 7.29
C LEU C 95 2.82 -16.51 6.15
N LEU C 96 2.97 -15.85 5.02
CA LEU C 96 3.32 -16.52 3.78
C LEU C 96 4.60 -17.33 3.85
N PRO C 97 5.68 -16.89 4.52
CA PRO C 97 6.89 -17.73 4.56
C PRO C 97 6.72 -19.01 5.28
N TYR C 98 5.66 -19.17 6.07
CA TYR C 98 5.57 -20.22 7.08
C TYR C 98 4.50 -21.25 6.76
N ILE C 99 3.78 -21.09 5.66
CA ILE C 99 2.67 -21.96 5.29
C ILE C 99 3.20 -23.25 4.68
N ASP C 100 2.54 -24.36 5.01
CA ASP C 100 2.91 -25.69 4.55
C ASP C 100 2.29 -25.91 3.17
N TYR C 101 2.90 -25.28 2.17
CA TYR C 101 2.42 -25.41 0.80
C TYR C 101 2.50 -26.85 0.31
N ASP C 102 3.53 -27.59 0.72
CA ASP C 102 3.65 -28.99 0.25
C ASP C 102 2.49 -29.84 0.74
N ALA C 103 2.07 -29.61 1.99
CA ALA C 103 0.93 -30.36 2.53
C ALA C 103 -0.34 -30.02 1.77
N PHE C 104 -0.53 -28.74 1.43
CA PHE C 104 -1.71 -28.34 0.68
C PHE C 104 -1.68 -28.98 -0.70
N GLN C 105 -0.51 -28.95 -1.34
CA GLN C 105 -0.39 -29.50 -2.68
C GLN C 105 -0.67 -30.99 -2.67
N ASN C 106 -0.25 -31.68 -1.61
CA ASN C 106 -0.42 -33.12 -1.54
C ASN C 106 -1.85 -33.53 -1.20
N ASN C 107 -2.64 -32.65 -0.59
CA ASN C 107 -4.06 -32.92 -0.32
CA ASN C 107 -4.05 -32.93 -0.32
C ASN C 107 -4.84 -31.65 -0.51
N PRO C 108 -5.12 -31.29 -1.75
CA PRO C 108 -5.77 -30.02 -2.04
C PRO C 108 -7.13 -29.91 -1.37
N LYS C 109 -7.44 -28.72 -0.89
CA LYS C 109 -8.70 -28.39 -0.25
C LYS C 109 -9.21 -27.07 -0.82
N ILE C 110 -10.46 -26.75 -0.52
CA ILE C 110 -11.01 -25.45 -0.91
C ILE C 110 -10.47 -24.37 0.03
N ILE C 112 -10.89 -20.39 0.76
CA ILE C 112 -11.86 -19.34 0.43
C ILE C 112 -11.77 -18.20 1.44
N GLY C 113 -11.96 -16.98 0.93
CA GLY C 113 -12.06 -15.78 1.73
C GLY C 113 -11.93 -14.59 0.80
N TYR C 114 -11.77 -13.40 1.37
CA TYR C 114 -11.61 -12.22 0.52
C TYR C 114 -10.86 -11.12 1.26
N SER C 115 -10.76 -9.96 0.62
CA SER C 115 -10.11 -8.78 1.24
C SER C 115 -8.68 -9.13 1.61
N ASP C 116 -8.22 -8.87 2.84
CA ASP C 116 -6.83 -9.18 3.20
C ASP C 116 -6.44 -10.63 2.95
N ALA C 117 -7.39 -11.56 2.99
CA ALA C 117 -7.07 -12.97 2.74
C ALA C 117 -6.60 -13.21 1.30
N THR C 118 -6.76 -12.22 0.43
CA THR C 118 -6.14 -12.27 -0.90
C THR C 118 -4.67 -12.70 -0.84
N ALA C 119 -3.93 -12.22 0.16
CA ALA C 119 -2.52 -12.57 0.27
C ALA C 119 -2.33 -14.07 0.26
N LEU C 120 -3.20 -14.79 0.97
CA LEU C 120 -3.09 -16.24 1.13
C LEU C 120 -3.68 -16.96 -0.07
N LEU C 121 -4.80 -16.46 -0.60
CA LEU C 121 -5.41 -17.09 -1.76
C LEU C 121 -4.46 -17.06 -2.94
N LEU C 122 -3.82 -15.92 -3.17
CA LEU C 122 -2.88 -15.81 -4.26
C LEU C 122 -1.58 -16.52 -3.94
N GLY C 123 -1.12 -16.46 -2.69
CA GLY C 123 0.09 -17.16 -2.31
C GLY C 123 -0.01 -18.66 -2.51
N ILE C 124 -1.13 -19.24 -2.09
CA ILE C 124 -1.27 -20.68 -2.29
CA ILE C 124 -1.36 -20.68 -2.29
C ILE C 124 -1.37 -21.01 -3.77
N TYR C 125 -2.11 -20.22 -4.56
CA TYR C 125 -2.14 -20.49 -5.99
C TYR C 125 -0.74 -20.35 -6.61
N ALA C 126 -0.01 -19.31 -6.25
CA ALA C 126 1.32 -19.09 -6.80
C ALA C 126 2.24 -20.25 -6.49
N LYS C 127 2.17 -20.78 -5.26
CA LYS C 127 3.11 -21.82 -4.85
C LYS C 127 2.70 -23.22 -5.29
N THR C 128 1.40 -23.49 -5.47
CA THR C 128 0.93 -24.86 -5.70
C THR C 128 0.23 -25.05 -7.03
N GLY C 129 -0.19 -23.98 -7.69
CA GLY C 129 -0.96 -24.08 -8.91
C GLY C 129 -2.41 -24.50 -8.73
N ILE C 130 -2.86 -24.70 -7.49
CA ILE C 130 -4.22 -25.13 -7.21
CA ILE C 130 -4.22 -25.13 -7.18
C ILE C 130 -5.13 -23.90 -7.16
N PRO C 131 -6.26 -23.89 -7.89
CA PRO C 131 -7.17 -22.76 -7.80
C PRO C 131 -7.64 -22.51 -6.37
N THR C 132 -7.80 -21.25 -6.03
CA THR C 132 -8.39 -20.81 -4.77
C THR C 132 -9.58 -19.90 -5.07
N PHE C 133 -10.30 -19.47 -4.03
CA PHE C 133 -11.63 -18.91 -4.23
C PHE C 133 -11.80 -17.56 -3.55
N TYR C 134 -12.10 -16.54 -4.36
CA TYR C 134 -12.45 -15.22 -3.84
C TYR C 134 -13.95 -15.26 -3.54
N GLY C 135 -14.28 -15.26 -2.26
CA GLY C 135 -15.64 -15.52 -1.83
C GLY C 135 -15.78 -15.32 -0.34
N PRO C 136 -16.85 -15.87 0.23
CA PRO C 136 -17.18 -15.59 1.63
C PRO C 136 -16.09 -15.82 2.65
N ALA C 137 -15.97 -14.83 3.56
CA ALA C 137 -15.32 -15.01 4.85
C ALA C 137 -16.41 -15.19 5.89
N LEU C 138 -16.10 -15.97 6.91
CA LEU C 138 -17.16 -16.44 7.80
C LEU C 138 -18.00 -15.29 8.35
N VAL C 139 -17.36 -14.32 9.01
CA VAL C 139 -18.12 -13.37 9.81
C VAL C 139 -18.75 -12.27 8.95
N PRO C 140 -17.99 -11.61 8.05
CA PRO C 140 -18.65 -10.61 7.19
C PRO C 140 -19.75 -11.21 6.31
N SER C 141 -19.51 -12.39 5.75
CA SER C 141 -20.39 -12.90 4.71
C SER C 141 -21.53 -13.73 5.27
N PHE C 142 -21.25 -14.68 6.16
CA PHE C 142 -22.29 -15.56 6.65
C PHE C 142 -22.89 -15.09 7.98
N GLY C 143 -22.35 -14.05 8.58
CA GLY C 143 -23.04 -13.38 9.67
C GLY C 143 -24.01 -12.29 9.24
N GLU C 144 -24.09 -12.03 7.94
CA GLU C 144 -25.05 -11.08 7.39
C GLU C 144 -26.47 -11.57 7.71
N PHE C 145 -27.36 -10.64 8.05
CA PHE C 145 -28.75 -11.04 8.22
C PHE C 145 -29.44 -11.28 6.87
N GLU C 146 -30.61 -11.88 6.92
CA GLU C 146 -31.49 -11.94 5.78
C GLU C 146 -31.77 -10.51 5.34
N PRO C 147 -32.01 -10.28 4.03
CA PRO C 147 -32.07 -11.27 2.95
C PRO C 147 -30.74 -11.63 2.32
N PHE C 148 -29.72 -10.76 2.41
CA PHE C 148 -28.61 -10.92 1.50
C PHE C 148 -27.78 -12.17 1.78
N VAL C 149 -27.73 -12.65 3.02
CA VAL C 149 -26.91 -13.82 3.30
C VAL C 149 -27.36 -15.00 2.48
N ASP C 150 -28.67 -15.10 2.22
CA ASP C 150 -29.19 -16.26 1.51
C ASP C 150 -28.75 -16.26 0.05
N ASP C 151 -28.53 -15.09 -0.56
CA ASP C 151 -28.05 -15.08 -1.92
C ASP C 151 -26.54 -15.30 -1.98
N THR C 152 -25.77 -14.79 -1.00
CA THR C 152 -24.38 -15.17 -0.90
C THR C 152 -24.24 -16.68 -0.76
N TYR C 153 -25.07 -17.28 0.08
CA TYR C 153 -25.03 -18.72 0.26
C TYR C 153 -25.37 -19.47 -1.03
N LYS C 154 -26.36 -19.01 -1.77
CA LYS C 154 -26.70 -19.65 -3.04
C LYS C 154 -25.51 -19.65 -3.98
N TYR C 155 -24.79 -18.53 -4.07
CA TYR C 155 -23.60 -18.44 -4.91
C TYR C 155 -22.48 -19.36 -4.42
N PHE C 156 -22.34 -19.49 -3.10
CA PHE C 156 -21.35 -20.36 -2.49
C PHE C 156 -21.59 -21.81 -2.90
N LEU C 157 -22.85 -22.25 -2.84
CA LEU C 157 -23.17 -23.61 -3.28
C LEU C 157 -22.89 -23.78 -4.77
N GLU C 158 -23.22 -22.79 -5.57
CA GLU C 158 -23.08 -22.94 -7.02
C GLU C 158 -21.62 -23.18 -7.42
N THR C 159 -20.70 -22.48 -6.79
CA THR C 159 -19.31 -22.66 -7.17
C THR C 159 -18.65 -23.86 -6.47
N LEU C 160 -19.01 -24.16 -5.23
CA LEU C 160 -18.24 -25.13 -4.44
C LEU C 160 -18.89 -26.50 -4.30
N LEU C 161 -20.22 -26.60 -4.38
CA LEU C 161 -20.92 -27.84 -4.07
C LEU C 161 -21.66 -28.44 -5.25
N HIS C 162 -22.38 -27.63 -6.01
CA HIS C 162 -23.12 -28.14 -7.16
C HIS C 162 -22.19 -28.77 -8.19
N ASP C 163 -22.70 -29.77 -8.87
CA ASP C 163 -22.06 -30.28 -10.08
C ASP C 163 -22.33 -29.27 -11.18
N GLN C 164 -21.29 -28.62 -11.69
CA GLN C 164 -21.39 -27.57 -12.69
C GLN C 164 -20.78 -28.07 -13.99
N ALA C 165 -21.57 -28.03 -15.06
CA ALA C 165 -21.02 -28.25 -16.39
C ALA C 165 -20.26 -27.01 -16.86
N LEU C 166 -19.33 -27.23 -17.76
CA LEU C 166 -18.62 -26.12 -18.38
C LEU C 166 -19.32 -25.77 -19.68
N PRO C 167 -19.38 -24.49 -20.01
CA PRO C 167 -18.93 -23.32 -19.24
C PRO C 167 -19.91 -22.98 -18.14
N TYR C 168 -19.39 -22.41 -17.05
CA TYR C 168 -20.16 -22.08 -15.86
C TYR C 168 -20.46 -20.60 -15.88
N ASN C 169 -21.75 -20.26 -16.03
CA ASN C 169 -22.17 -18.88 -16.14
C ASN C 169 -22.35 -18.24 -14.77
N ILE C 170 -21.76 -17.07 -14.58
CA ILE C 170 -21.81 -16.32 -13.33
C ILE C 170 -22.85 -15.21 -13.50
N LYS C 171 -24.01 -15.35 -12.86
CA LYS C 171 -25.12 -14.43 -13.09
C LYS C 171 -25.17 -13.31 -12.04
N GLN C 172 -25.60 -12.15 -12.51
CA GLN C 172 -25.74 -10.96 -11.68
C GLN C 172 -26.93 -11.08 -10.72
N PRO C 173 -26.78 -10.68 -9.44
CA PRO C 173 -27.94 -10.64 -8.54
C PRO C 173 -28.87 -9.49 -8.86
N LEU C 174 -30.13 -9.66 -8.48
CA LEU C 174 -31.16 -8.65 -8.73
C LEU C 174 -30.90 -7.37 -7.92
N PHE C 175 -30.46 -7.52 -6.67
CA PHE C 175 -30.33 -6.42 -5.73
C PHE C 175 -29.02 -6.58 -4.96
N TRP C 176 -28.51 -5.45 -4.46
CA TRP C 176 -27.31 -5.42 -3.66
C TRP C 176 -27.46 -4.38 -2.56
N SER C 177 -26.50 -4.36 -1.64
CA SER C 177 -26.44 -3.34 -0.60
C SER C 177 -25.01 -3.21 -0.11
N ASP C 178 -24.64 -2.00 0.29
CA ASP C 178 -23.39 -1.78 1.01
C ASP C 178 -23.64 -1.00 2.29
N GLU C 179 -24.88 -1.00 2.79
CA GLU C 179 -25.27 -0.10 3.87
C GLU C 179 -24.52 -0.46 5.16
N PHE C 180 -24.00 0.56 5.85
CA PHE C 180 -23.15 0.33 7.03
C PHE C 180 -24.05 0.25 8.28
N ILE C 181 -24.88 -0.79 8.31
CA ILE C 181 -25.76 -1.07 9.44
C ILE C 181 -25.77 -2.57 9.67
N ASN C 182 -26.45 -2.99 10.75
CA ASN C 182 -26.77 -4.39 11.02
C ASN C 182 -25.51 -5.25 11.13
N TRP C 183 -24.48 -4.74 11.81
CA TRP C 183 -23.27 -5.55 11.94
C TRP C 183 -23.42 -6.62 13.03
N GLU C 184 -23.51 -6.20 14.31
CA GLU C 184 -23.77 -7.16 15.40
C GLU C 184 -25.27 -7.42 15.59
N GLU C 185 -26.07 -6.36 15.56
CA GLU C 185 -27.50 -6.43 15.81
C GLU C 185 -28.26 -5.78 14.67
N LYS C 186 -29.44 -6.30 14.35
CA LYS C 186 -30.25 -5.76 13.27
C LYS C 186 -31.14 -4.66 13.81
N THR C 187 -31.12 -3.49 13.14
CA THR C 187 -31.97 -2.38 13.53
C THR C 187 -33.01 -1.99 12.50
N LYS C 188 -32.82 -2.34 11.23
CA LYS C 188 -33.83 -2.11 10.19
C LYS C 188 -33.42 -2.93 8.99
N GLU C 189 -34.27 -2.94 7.96
CA GLU C 189 -33.91 -3.61 6.72
C GLU C 189 -32.94 -2.75 5.93
N LYS C 190 -31.93 -3.38 5.35
CA LYS C 190 -31.04 -2.67 4.44
C LYS C 190 -31.80 -2.27 3.18
N GLU C 191 -31.51 -1.08 2.69
CA GLU C 191 -32.04 -0.61 1.40
CA GLU C 191 -32.12 -0.67 1.42
C GLU C 191 -31.70 -1.63 0.32
N LEU C 192 -32.67 -1.98 -0.53
CA LEU C 192 -32.44 -2.82 -1.71
C LEU C 192 -32.03 -1.93 -2.86
N ARG C 193 -30.83 -2.12 -3.37
CA ARG C 193 -30.31 -1.34 -4.49
C ARG C 193 -30.50 -2.14 -5.77
N PRO C 194 -31.25 -1.67 -6.77
CA PRO C 194 -31.34 -2.42 -8.03
C PRO C 194 -29.96 -2.53 -8.66
N ASN C 195 -29.68 -3.68 -9.27
CA ASN C 195 -28.32 -3.96 -9.71
C ASN C 195 -28.14 -3.74 -11.20
N ASN C 196 -26.89 -3.44 -11.56
CA ASN C 196 -26.41 -3.44 -12.94
C ASN C 196 -24.91 -3.69 -12.89
N TRP C 197 -24.43 -4.48 -13.83
CA TRP C 197 -23.02 -4.46 -14.18
C TRP C 197 -22.83 -3.41 -15.27
N ILE C 198 -21.66 -2.78 -15.30
CA ILE C 198 -21.43 -1.58 -16.10
C ILE C 198 -20.50 -1.93 -17.24
N SER C 199 -20.95 -1.68 -18.46
CA SER C 199 -20.15 -1.84 -19.67
CA SER C 199 -20.14 -1.83 -19.67
C SER C 199 -19.33 -0.56 -19.84
N VAL C 200 -18.19 -0.51 -19.14
CA VAL C 200 -17.38 0.70 -19.17
C VAL C 200 -16.67 0.83 -20.51
N THR C 201 -16.01 -0.25 -20.93
CA THR C 201 -15.34 -0.31 -22.21
C THR C 201 -15.74 -1.61 -22.86
N ASN C 202 -16.37 -1.50 -24.01
CA ASN C 202 -16.94 -2.67 -24.68
C ASN C 202 -15.83 -3.61 -25.13
N GLY C 203 -16.20 -4.88 -25.29
CA GLY C 203 -15.27 -5.87 -25.79
C GLY C 203 -15.37 -7.17 -25.03
N GLN C 204 -14.63 -8.15 -25.52
CA GLN C 204 -14.61 -9.50 -24.97
C GLN C 204 -13.16 -9.90 -24.72
N ALA C 205 -12.98 -10.81 -23.77
CA ALA C 205 -11.66 -11.35 -23.50
C ALA C 205 -11.78 -12.75 -22.92
N THR C 206 -10.81 -13.59 -23.23
CA THR C 206 -10.69 -14.91 -22.62
C THR C 206 -9.28 -15.09 -22.11
N GLY C 207 -9.14 -15.51 -20.86
CA GLY C 207 -7.82 -15.77 -20.31
C GLY C 207 -7.94 -16.20 -18.87
N ARG C 208 -6.79 -16.56 -18.30
CA ARG C 208 -6.69 -16.92 -16.89
C ARG C 208 -7.02 -15.72 -16.02
N VAL C 209 -7.95 -15.89 -15.07
CA VAL C 209 -8.31 -14.80 -14.17
C VAL C 209 -7.34 -14.80 -12.99
N ILE C 210 -6.81 -13.62 -12.71
CA ILE C 210 -5.90 -13.39 -11.59
C ILE C 210 -6.34 -12.12 -10.89
N GLY C 211 -6.39 -12.16 -9.56
CA GLY C 211 -6.56 -10.94 -8.81
C GLY C 211 -7.24 -11.20 -7.47
N GLY C 212 -8.00 -10.20 -7.04
CA GLY C 212 -8.61 -10.17 -5.74
C GLY C 212 -8.63 -8.75 -5.24
N ASN C 213 -8.32 -8.56 -3.96
CA ASN C 213 -8.36 -7.24 -3.34
C ASN C 213 -7.11 -6.48 -3.73
N LEU C 214 -7.29 -5.34 -4.36
CA LEU C 214 -6.14 -4.66 -4.96
C LEU C 214 -5.24 -4.01 -3.91
N ASN C 215 -5.83 -3.39 -2.89
CA ASN C 215 -5.05 -2.85 -1.79
C ASN C 215 -4.13 -3.91 -1.21
N THR C 216 -4.66 -5.12 -1.04
CA THR C 216 -3.90 -6.21 -0.43
C THR C 216 -2.82 -6.71 -1.38
N ILE C 217 -3.07 -6.71 -2.68
CA ILE C 217 -2.07 -7.15 -3.66
C ILE C 217 -0.79 -6.36 -3.52
N GLN C 218 -0.88 -5.07 -3.18
CA GLN C 218 0.34 -4.28 -3.01
C GLN C 218 1.23 -4.78 -1.88
N GLY C 219 0.71 -5.55 -0.94
CA GLY C 219 1.53 -6.12 0.11
C GLY C 219 2.21 -7.42 -0.23
N ILE C 220 1.92 -8.02 -1.39
CA ILE C 220 2.59 -9.24 -1.82
C ILE C 220 3.26 -9.10 -3.19
N TRP C 221 3.05 -7.97 -3.85
CA TRP C 221 3.57 -7.79 -5.20
C TRP C 221 5.08 -7.98 -5.25
N GLY C 222 5.53 -8.65 -6.31
CA GLY C 222 6.94 -8.86 -6.56
C GLY C 222 7.54 -10.07 -5.87
N SER C 223 6.79 -10.68 -4.96
CA SER C 223 7.28 -11.78 -4.14
C SER C 223 6.94 -13.11 -4.79
N PRO C 224 7.52 -14.20 -4.28
CA PRO C 224 7.17 -15.52 -4.83
C PRO C 224 5.72 -15.90 -4.60
N TYR C 225 4.98 -15.12 -3.81
CA TYR C 225 3.60 -15.41 -3.44
C TYR C 225 2.61 -14.69 -4.34
N PRO C 227 1.33 -14.49 -8.06
CA PRO C 227 1.45 -15.11 -9.39
C PRO C 227 1.81 -14.05 -10.42
N CYS C 228 2.75 -14.40 -11.30
CA CYS C 228 3.15 -13.48 -12.37
C CYS C 228 1.97 -13.26 -13.29
N ILE C 229 1.67 -12.00 -13.61
CA ILE C 229 0.61 -11.73 -14.56
C ILE C 229 1.16 -11.92 -15.96
N GLN C 230 0.44 -12.67 -16.77
CA GLN C 230 0.92 -13.07 -18.09
C GLN C 230 0.07 -12.45 -19.17
N GLU C 231 0.67 -12.32 -20.35
CA GLU C 231 -0.03 -11.81 -21.52
C GLU C 231 -1.34 -12.57 -21.70
N GLY C 232 -2.43 -11.83 -21.83
CA GLY C 232 -3.73 -12.43 -22.05
C GLY C 232 -4.54 -12.70 -20.80
N ASP C 233 -3.95 -12.62 -19.62
CA ASP C 233 -4.71 -12.83 -18.38
C ASP C 233 -5.85 -11.81 -18.29
N ILE C 234 -6.90 -12.19 -17.56
CA ILE C 234 -7.97 -11.28 -17.17
C ILE C 234 -7.70 -10.82 -15.75
N LEU C 235 -7.67 -9.52 -15.54
CA LEU C 235 -7.45 -8.96 -14.23
C LEU C 235 -8.78 -8.78 -13.52
N PHE C 236 -8.92 -9.38 -12.33
CA PHE C 236 -10.08 -9.17 -11.46
C PHE C 236 -9.58 -8.37 -10.25
N ILE C 237 -10.13 -7.19 -10.02
CA ILE C 237 -9.71 -6.36 -8.91
C ILE C 237 -10.94 -5.76 -8.24
N GLU C 238 -10.86 -5.60 -6.92
CA GLU C 238 -11.84 -4.83 -6.17
C GLU C 238 -11.13 -4.15 -5.02
N ASP C 239 -11.61 -2.97 -4.66
CA ASP C 239 -11.31 -2.36 -3.37
C ASP C 239 -12.63 -2.03 -2.68
N SER C 240 -12.57 -1.92 -1.35
CA SER C 240 -13.74 -1.71 -0.51
C SER C 240 -13.43 -0.68 0.57
N SER C 241 -14.35 0.26 0.79
CA SER C 241 -14.28 1.23 1.90
C SER C 241 -12.96 2.00 1.87
N LYS C 242 -12.53 2.40 0.65
CA LYS C 242 -11.41 3.33 0.48
C LYS C 242 -11.90 4.62 -0.14
N ASP C 243 -10.98 5.41 -0.68
CA ASP C 243 -11.30 6.71 -1.23
C ASP C 243 -10.62 6.87 -2.59
N ALA C 244 -10.95 7.99 -3.23
CA ALA C 244 -10.46 8.23 -4.58
C ALA C 244 -8.95 8.29 -4.63
N ALA C 245 -8.32 8.89 -3.63
CA ALA C 245 -6.86 8.98 -3.63
C ALA C 245 -6.22 7.61 -3.51
N THR C 246 -6.76 6.76 -2.63
CA THR C 246 -6.21 5.43 -2.46
C THR C 246 -6.28 4.63 -3.75
N ILE C 247 -7.44 4.65 -4.41
CA ILE C 247 -7.56 3.78 -5.58
C ILE C 247 -6.82 4.36 -6.78
N GLU C 248 -6.65 5.68 -6.89
CA GLU C 248 -5.79 6.19 -7.95
C GLU C 248 -4.36 5.68 -7.76
N ARG C 249 -3.86 5.69 -6.52
CA ARG C 249 -2.52 5.14 -6.27
C ARG C 249 -2.44 3.69 -6.72
N SER C 250 -3.45 2.90 -6.39
CA SER C 250 -3.44 1.49 -6.75
C SER C 250 -3.57 1.25 -8.26
N PHE C 251 -4.43 2.01 -8.94
CA PHE C 251 -4.53 1.87 -10.39
C PHE C 251 -3.21 2.26 -11.06
N SER C 252 -2.60 3.36 -10.61
CA SER C 252 -1.33 3.76 -11.21
C SER C 252 -0.22 2.77 -10.87
N PHE C 253 -0.28 2.13 -9.70
CA PHE C 253 0.66 1.05 -9.38
C PHE C 253 0.57 -0.07 -10.41
N LEU C 254 -0.64 -0.44 -10.83
CA LEU C 254 -0.76 -1.46 -11.88
C LEU C 254 -0.22 -0.95 -13.21
N LYS C 255 -0.54 0.30 -13.55
CA LYS C 255 -0.11 0.88 -14.81
C LYS C 255 1.41 0.88 -14.93
N ILE C 256 2.10 1.42 -13.92
CA ILE C 256 3.55 1.56 -14.05
C ILE C 256 4.26 0.21 -13.94
N ASN C 257 3.57 -0.83 -13.46
CA ASN C 257 4.10 -2.20 -13.48
C ASN C 257 3.82 -2.90 -14.79
N GLY C 258 3.21 -2.22 -15.77
CA GLY C 258 2.96 -2.80 -17.07
C GLY C 258 1.80 -3.76 -17.12
N VAL C 259 0.97 -3.82 -16.08
CA VAL C 259 -0.10 -4.82 -16.04
C VAL C 259 -1.07 -4.61 -17.19
N PHE C 260 -1.34 -3.34 -17.53
CA PHE C 260 -2.29 -3.07 -18.59
C PHE C 260 -1.71 -3.28 -19.98
N ASP C 261 -0.40 -3.49 -20.10
CA ASP C 261 0.19 -3.93 -21.36
C ASP C 261 0.01 -5.43 -21.59
N LYS C 262 -0.34 -6.18 -20.55
CA LYS C 262 -0.47 -7.63 -20.63
C LYS C 262 -1.90 -8.14 -20.62
N VAL C 263 -2.78 -7.61 -19.78
CA VAL C 263 -4.09 -8.22 -19.58
C VAL C 263 -5.00 -7.98 -20.78
N SER C 264 -5.89 -8.95 -21.03
CA SER C 264 -6.84 -8.86 -22.13
C SER C 264 -8.15 -8.19 -21.73
N GLY C 265 -8.40 -8.08 -20.44
CA GLY C 265 -9.65 -7.55 -19.93
C GLY C 265 -9.57 -7.33 -18.44
N ILE C 266 -10.48 -6.50 -17.93
CA ILE C 266 -10.54 -6.13 -16.52
C ILE C 266 -11.96 -6.32 -16.02
N ILE C 267 -12.10 -7.01 -14.88
CA ILE C 267 -13.33 -7.09 -14.10
C ILE C 267 -13.12 -6.29 -12.82
N LEU C 268 -13.89 -5.23 -12.63
CA LEU C 268 -13.77 -4.36 -11.46
C LEU C 268 -14.98 -4.55 -10.54
N GLY C 269 -14.71 -4.89 -9.27
CA GLY C 269 -15.78 -5.09 -8.31
C GLY C 269 -16.42 -3.77 -7.91
N LYS C 270 -17.62 -3.86 -7.36
CA LYS C 270 -18.18 -2.70 -6.68
C LYS C 270 -17.24 -2.22 -5.60
N HIS C 271 -17.40 -0.95 -5.24
CA HIS C 271 -16.58 -0.34 -4.19
C HIS C 271 -17.47 0.07 -3.03
N GLU C 272 -17.58 -0.82 -2.06
CA GLU C 272 -18.37 -0.56 -0.87
C GLU C 272 -18.06 0.79 -0.26
N GLN C 273 -19.10 1.58 -0.01
CA GLN C 273 -18.96 2.84 0.74
C GLN C 273 -17.85 3.73 0.17
N PHE C 274 -17.71 3.75 -1.15
CA PHE C 274 -16.64 4.55 -1.76
C PHE C 274 -16.76 6.02 -1.36
N ASP C 275 -15.59 6.59 -1.00
CA ASP C 275 -15.45 8.00 -0.66
C ASP C 275 -14.80 8.67 -1.87
N ASP C 276 -15.62 9.38 -2.65
CA ASP C 276 -15.10 10.02 -3.84
C ASP C 276 -14.42 11.36 -3.56
N CYS C 277 -14.23 11.73 -2.31
CA CYS C 277 -13.49 12.95 -1.93
C CYS C 277 -14.14 14.21 -2.48
N GLY C 278 -15.43 14.14 -2.80
CA GLY C 278 -16.14 15.29 -3.35
C GLY C 278 -16.10 15.42 -4.85
N THR C 279 -15.46 14.49 -5.56
CA THR C 279 -15.25 14.63 -7.00
C THR C 279 -16.47 14.22 -7.80
N ASN C 280 -17.37 13.43 -7.22
CA ASN C 280 -18.48 12.81 -7.93
C ASN C 280 -18.01 11.90 -9.07
N ARG C 281 -16.80 11.36 -8.95
CA ARG C 281 -16.27 10.42 -9.91
C ARG C 281 -16.46 9.00 -9.40
N LYS C 282 -16.75 8.08 -10.30
CA LYS C 282 -16.85 6.67 -9.94
C LYS C 282 -15.49 6.01 -9.99
N PRO C 283 -15.28 4.92 -9.25
CA PRO C 283 -14.00 4.22 -9.34
C PRO C 283 -13.58 3.91 -10.78
N TYR C 284 -14.49 3.44 -11.64
CA TYR C 284 -14.06 3.11 -12.99
C TYR C 284 -13.62 4.33 -13.77
N GLU C 285 -14.11 5.54 -13.43
CA GLU C 285 -13.67 6.76 -14.12
C GLU C 285 -12.23 7.10 -13.77
N ILE C 286 -11.83 6.83 -12.53
CA ILE C 286 -10.45 7.07 -12.15
C ILE C 286 -9.55 6.08 -12.85
N LEU C 287 -9.98 4.81 -12.94
CA LEU C 287 -9.24 3.81 -13.72
C LEU C 287 -9.14 4.21 -15.19
N LEU C 288 -10.23 4.71 -15.78
CA LEU C 288 -10.15 5.16 -17.17
C LEU C 288 -9.11 6.27 -17.33
N GLU C 289 -9.03 7.21 -16.38
CA GLU C 289 -7.99 8.24 -16.53
C GLU C 289 -6.61 7.61 -16.53
N VAL C 290 -6.37 6.70 -15.60
CA VAL C 290 -5.06 6.03 -15.56
C VAL C 290 -4.78 5.30 -16.85
N LEU C 291 -5.80 4.68 -17.45
CA LEU C 291 -5.62 3.93 -18.69
C LEU C 291 -5.31 4.82 -19.89
N GLN C 292 -5.63 6.11 -19.86
CA GLN C 292 -5.24 7.03 -20.93
C GLN C 292 -5.66 6.50 -22.30
N ASN C 293 -6.91 6.05 -22.38
CA ASN C 293 -7.54 5.65 -23.64
C ASN C 293 -6.99 4.35 -24.21
N GLN C 294 -6.21 3.60 -23.45
CA GLN C 294 -5.86 2.26 -23.87
C GLN C 294 -7.12 1.40 -23.84
N ARG C 295 -7.43 0.76 -24.96
CA ARG C 295 -8.70 0.07 -25.11
C ARG C 295 -8.58 -1.33 -24.55
N ILE C 296 -8.98 -1.47 -23.30
CA ILE C 296 -9.06 -2.76 -22.63
C ILE C 296 -10.51 -2.97 -22.24
N PRO C 297 -11.17 -4.06 -22.65
CA PRO C 297 -12.53 -4.33 -22.18
C PRO C 297 -12.59 -4.25 -20.66
N LEU C 298 -13.63 -3.61 -20.15
CA LEU C 298 -13.72 -3.27 -18.73
C LEU C 298 -15.17 -3.40 -18.32
N LEU C 299 -15.45 -4.35 -17.43
CA LEU C 299 -16.77 -4.61 -16.89
C LEU C 299 -16.70 -4.26 -15.42
N ALA C 300 -17.55 -3.34 -14.96
CA ALA C 300 -17.42 -2.85 -13.60
C ALA C 300 -18.69 -3.12 -12.77
N ASP C 301 -18.55 -2.85 -11.48
CA ASP C 301 -19.58 -3.11 -10.45
C ASP C 301 -19.92 -4.59 -10.34
N PHE C 302 -18.90 -5.42 -10.55
CA PHE C 302 -19.06 -6.86 -10.37
C PHE C 302 -19.27 -7.19 -8.89
N ASP C 303 -20.19 -8.13 -8.63
CA ASP C 303 -20.61 -8.46 -7.25
C ASP C 303 -19.73 -9.53 -6.61
N CYS C 304 -18.45 -9.20 -6.45
CA CYS C 304 -17.49 -10.13 -5.82
C CYS C 304 -16.51 -9.26 -5.02
N CYS C 305 -16.97 -8.83 -3.84
CA CYS C 305 -16.31 -7.78 -3.08
C CYS C 305 -17.02 -7.68 -1.74
N HIS C 306 -16.90 -6.55 -1.03
CA HIS C 306 -17.51 -6.44 0.29
C HIS C 306 -18.99 -6.08 0.26
N THR C 307 -19.55 -5.69 -0.88
CA THR C 307 -20.98 -5.46 -0.98
C THR C 307 -21.69 -6.81 -0.90
N HIS C 308 -22.99 -6.76 -0.57
CA HIS C 308 -23.80 -7.97 -0.47
C HIS C 308 -24.83 -8.01 -1.57
N PRO C 309 -25.10 -9.19 -2.14
CA PRO C 309 -24.49 -10.49 -1.92
C PRO C 309 -23.19 -10.66 -2.66
N ILE C 311 -20.59 -13.21 -4.89
CA ILE C 311 -20.30 -14.36 -5.75
C ILE C 311 -19.06 -15.07 -5.21
N THR C 312 -18.95 -16.39 -5.39
CA THR C 312 -17.72 -17.12 -5.13
C THR C 312 -17.02 -17.36 -6.47
N PRO C 314 -13.77 -18.62 -8.66
CA PRO C 314 -12.48 -19.31 -8.79
C PRO C 314 -11.41 -18.39 -9.33
N ILE C 315 -10.18 -18.55 -8.83
CA ILE C 315 -9.03 -17.74 -9.25
C ILE C 315 -7.99 -18.70 -9.81
N GLY C 316 -7.38 -18.32 -10.93
CA GLY C 316 -6.33 -19.09 -11.55
C GLY C 316 -6.77 -20.00 -12.66
N VAL C 317 -8.01 -19.87 -13.13
CA VAL C 317 -8.57 -20.69 -14.18
C VAL C 317 -9.03 -19.81 -15.34
N GLN C 318 -9.21 -20.44 -16.51
CA GLN C 318 -9.66 -19.74 -17.69
C GLN C 318 -11.08 -19.21 -17.51
N VAL C 319 -11.28 -17.96 -17.93
CA VAL C 319 -12.54 -17.24 -17.86
C VAL C 319 -12.77 -16.56 -19.21
N LYS C 320 -14.03 -16.44 -19.61
CA LYS C 320 -14.43 -15.59 -20.71
C LYS C 320 -15.27 -14.45 -20.16
N ASP C 322 -17.40 -10.80 -21.24
CA ASP C 322 -17.97 -9.97 -22.31
C ASP C 322 -18.41 -8.68 -21.63
N ALA C 323 -17.61 -7.61 -21.79
CA ALA C 323 -17.96 -6.36 -21.13
C ALA C 323 -19.16 -5.70 -21.79
N THR C 324 -19.36 -5.94 -23.08
CA THR C 324 -20.48 -5.34 -23.80
C THR C 324 -21.80 -5.92 -23.33
N ASN C 325 -21.88 -7.24 -23.26
CA ASN C 325 -23.14 -7.91 -22.95
C ASN C 325 -23.20 -8.40 -21.53
N LYS C 326 -22.20 -8.06 -20.72
CA LYS C 326 -22.21 -8.20 -19.26
C LYS C 326 -22.30 -9.66 -18.83
N THR C 327 -21.40 -10.48 -19.37
CA THR C 327 -21.33 -11.90 -18.99
C THR C 327 -19.94 -12.28 -18.53
N ILE C 328 -19.90 -13.28 -17.65
CA ILE C 328 -18.69 -13.91 -17.15
C ILE C 328 -18.93 -15.41 -17.10
N HIS C 329 -18.08 -16.18 -17.76
CA HIS C 329 -18.15 -17.63 -17.74
C HIS C 329 -16.81 -18.20 -17.29
N ILE C 330 -16.88 -19.27 -16.47
CA ILE C 330 -15.67 -20.02 -16.11
C ILE C 330 -15.54 -21.16 -17.12
N LEU C 331 -14.38 -21.28 -17.76
CA LEU C 331 -14.20 -22.19 -18.88
C LEU C 331 -13.46 -23.47 -18.54
N GLU C 332 -12.86 -23.54 -17.37
CA GLU C 332 -11.91 -24.57 -16.97
C GLU C 332 -12.35 -25.12 -15.63
N LYS C 333 -12.29 -26.44 -15.47
CA LYS C 333 -12.62 -27.09 -14.21
C LYS C 333 -11.82 -26.51 -13.05
N TRP C 334 -12.48 -26.29 -11.91
CA TRP C 334 -11.84 -25.72 -10.72
C TRP C 334 -12.01 -26.61 -9.50
N LYS C 335 -12.73 -27.73 -9.64
CA LYS C 335 -12.93 -28.68 -8.55
C LYS C 335 -13.28 -30.03 -9.14
N ILE C 336 -13.23 -31.05 -8.28
CA ILE C 336 -13.63 -32.41 -8.65
C ILE C 336 -15.06 -32.60 -8.20
N ARG D 2 -15.56 2.35 9.63
CA ARG D 2 -14.47 1.93 10.50
C ARG D 2 -13.38 2.97 10.51
N THR D 3 -12.64 3.08 11.62
CA THR D 3 -11.59 4.10 11.73
C THR D 3 -10.36 3.76 10.93
N GLY D 4 -10.05 2.48 10.78
CA GLY D 4 -8.90 1.90 10.09
C GLY D 4 -8.91 1.86 8.58
N ASN D 5 -7.79 1.33 8.10
CA ASN D 5 -7.44 1.13 6.70
C ASN D 5 -7.45 -0.34 6.36
N ALA D 6 -8.22 -1.11 7.11
CA ALA D 6 -8.26 -2.54 6.88
C ALA D 6 -8.99 -2.99 5.65
#